data_1NX8
#
_entry.id   1NX8
#
_cell.length_a   80.443
_cell.length_b   164.082
_cell.length_c   146.330
_cell.angle_alpha   90.00
_cell.angle_beta   90.00
_cell.angle_gamma   90.00
#
_symmetry.space_group_name_H-M   'C 2 2 21'
#
loop_
_entity.id
_entity.type
_entity.pdbx_description
1 polymer 'Carbapenem synthase'
2 non-polymer 'FE (III) ION'
3 non-polymer '2-OXOGLUTARIC ACID'
4 non-polymer 1-ACETYL-L-PROLINE
5 water water
#
_entity_poly.entity_id   1
_entity_poly.type   'polypeptide(L)'
_entity_poly.pdbx_seq_one_letter_code
;MSEIVKFNPVMASGFGAYIDHRDFLEAKTETIKNLLMRQGFVVVKNLDIDSDTFRDIYSAYGTIVEYADEKIGVGFGYRD
TLKLEGEKGKIVTGRGQLPFHADGGLLLSQVDQVFLYAAEIKNVKFRGATTVCDHALACQEMPAHLLRVLEEETFEVRVL
ERGYYVDVSPDGWFKVPVFTDLGWVRKMLIYFPFDEGQPASWEPRIVGFTDHETQAFFQELGAFLKQPRYYYKHFWEDGD
LLIMDNRRVIHEREEFNDDDIVRRLYRGQTADI
;
_entity_poly.pdbx_strand_id   A,B,C
#
loop_
_chem_comp.id
_chem_comp.type
_chem_comp.name
_chem_comp.formula
AKG non-polymer '2-OXOGLUTARIC ACID' 'C5 H6 O5'
FE non-polymer 'FE (III) ION' 'Fe 3'
#
# COMPACT_ATOMS: atom_id res chain seq x y z
N SER A 2 35.18 12.51 -22.03
CA SER A 2 33.94 12.20 -21.27
C SER A 2 34.11 12.43 -19.75
N GLU A 3 33.49 13.49 -19.24
CA GLU A 3 33.68 13.87 -17.85
C GLU A 3 32.61 13.36 -16.87
N ILE A 4 32.92 13.53 -15.60
CA ILE A 4 32.08 13.06 -14.54
C ILE A 4 31.61 14.23 -13.65
N VAL A 5 30.30 14.33 -13.39
CA VAL A 5 29.82 15.19 -12.32
C VAL A 5 29.58 14.34 -11.08
N LYS A 6 29.85 14.94 -9.93
CA LYS A 6 29.56 14.28 -8.68
C LYS A 6 28.06 14.45 -8.43
N PHE A 7 27.42 13.38 -8.01
CA PHE A 7 26.00 13.43 -7.68
C PHE A 7 25.63 12.45 -6.59
N ASN A 8 24.49 12.67 -5.96
CA ASN A 8 23.93 11.68 -5.07
C ASN A 8 22.58 11.25 -5.66
N PRO A 9 22.22 9.97 -5.57
CA PRO A 9 20.90 9.53 -6.04
C PRO A 9 19.79 10.10 -5.18
N VAL A 10 18.61 10.20 -5.77
CA VAL A 10 17.50 10.78 -5.08
C VAL A 10 16.67 9.66 -4.52
N MET A 11 16.47 8.66 -5.36
CA MET A 11 15.65 7.51 -5.02
C MET A 11 16.52 6.44 -4.41
N ALA A 12 15.88 5.59 -3.60
CA ALA A 12 16.53 4.47 -2.90
C ALA A 12 17.01 3.46 -3.90
N SER A 13 16.31 3.39 -5.04
CA SER A 13 16.68 2.54 -6.17
C SER A 13 17.96 2.99 -6.85
N GLY A 14 18.32 4.27 -6.68
CA GLY A 14 19.52 4.82 -7.27
C GLY A 14 19.24 5.76 -8.42
N PHE A 15 17.96 5.94 -8.71
CA PHE A 15 17.47 6.84 -9.77
C PHE A 15 17.54 8.31 -9.27
N GLY A 16 17.51 9.30 -10.17
CA GLY A 16 17.64 10.69 -9.78
C GLY A 16 19.05 11.15 -9.47
N ALA A 17 19.28 12.45 -9.52
CA ALA A 17 20.61 13.02 -9.21
C ALA A 17 20.54 14.39 -8.49
N TYR A 18 20.92 14.43 -7.22
CA TYR A 18 21.07 15.69 -6.50
C TYR A 18 22.46 16.18 -6.89
N ILE A 19 22.54 17.39 -7.43
CA ILE A 19 23.82 17.91 -7.84
C ILE A 19 23.97 19.28 -7.18
N ASP A 20 25.09 19.44 -6.48
CA ASP A 20 25.48 20.70 -5.86
C ASP A 20 25.62 21.79 -6.91
N HIS A 21 25.20 23.02 -6.58
CA HIS A 21 25.20 24.15 -7.52
C HIS A 21 26.52 24.53 -8.18
N ARG A 22 27.63 24.34 -7.46
CA ARG A 22 28.93 24.66 -8.01
C ARG A 22 29.35 23.56 -8.98
N ASP A 23 29.06 22.31 -8.61
CA ASP A 23 29.32 21.14 -9.45
C ASP A 23 28.49 21.20 -10.74
N PHE A 24 27.24 21.65 -10.63
CA PHE A 24 26.35 21.84 -11.78
C PHE A 24 26.90 22.88 -12.75
N LEU A 25 27.29 24.05 -12.23
CA LEU A 25 27.78 25.13 -13.08
C LEU A 25 29.15 24.88 -13.69
N GLU A 26 29.99 24.09 -13.02
CA GLU A 26 31.30 23.76 -13.57
C GLU A 26 31.25 22.66 -14.62
N ALA A 27 30.18 21.86 -14.60
CA ALA A 27 30.05 20.76 -15.54
C ALA A 27 29.66 21.22 -16.91
N LYS A 28 30.23 20.56 -17.89
CA LYS A 28 29.79 20.71 -19.26
C LYS A 28 28.33 20.24 -19.41
N THR A 29 27.65 20.87 -20.37
CA THR A 29 26.28 20.59 -20.71
C THR A 29 26.05 19.11 -21.06
N GLU A 30 26.96 18.55 -21.86
CA GLU A 30 26.91 17.17 -22.32
C GLU A 30 27.00 16.16 -21.16
N THR A 31 27.72 16.53 -20.10
CA THR A 31 27.83 15.70 -18.92
C THR A 31 26.50 15.59 -18.17
N ILE A 32 25.73 16.68 -18.10
CA ILE A 32 24.45 16.63 -17.38
C ILE A 32 23.41 15.93 -18.25
N LYS A 33 23.46 16.28 -19.53
CA LYS A 33 22.58 15.75 -20.57
C LYS A 33 22.71 14.23 -20.66
N ASN A 34 23.94 13.74 -20.58
CA ASN A 34 24.19 12.32 -20.47
C ASN A 34 23.64 11.69 -19.20
N LEU A 35 23.91 12.36 -18.07
CA LEU A 35 23.48 11.87 -16.77
C LEU A 35 21.95 11.71 -16.71
N LEU A 36 21.24 12.70 -17.25
CA LEU A 36 19.77 12.70 -17.34
C LEU A 36 19.13 11.52 -18.04
N MET A 37 19.77 10.97 -19.07
CA MET A 37 19.24 9.79 -19.76
C MET A 37 19.08 8.57 -18.84
N ARG A 38 20.06 8.31 -17.99
CA ARG A 38 19.96 7.16 -17.11
C ARG A 38 19.44 7.49 -15.73
N GLN A 39 19.50 8.76 -15.33
CA GLN A 39 19.01 9.11 -14.00
C GLN A 39 17.63 9.72 -14.02
N GLY A 40 17.11 10.04 -15.19
CA GLY A 40 15.77 10.64 -15.28
C GLY A 40 15.58 12.11 -14.98
N PHE A 41 16.12 12.54 -13.85
CA PHE A 41 15.95 13.89 -13.37
C PHE A 41 17.14 14.36 -12.54
N VAL A 42 17.36 15.67 -12.55
CA VAL A 42 18.46 16.33 -11.87
C VAL A 42 17.89 17.43 -10.97
N VAL A 43 18.28 17.44 -9.69
CA VAL A 43 17.83 18.45 -8.78
C VAL A 43 19.02 19.27 -8.29
N VAL A 44 18.97 20.56 -8.56
CA VAL A 44 20.00 21.48 -8.11
C VAL A 44 19.35 22.50 -7.19
N LYS A 45 19.91 22.67 -6.00
CA LYS A 45 19.42 23.71 -5.11
C LYS A 45 20.45 24.84 -5.02
N ASN A 46 20.02 25.97 -4.44
CA ASN A 46 20.86 27.16 -4.17
C ASN A 46 21.49 27.87 -5.38
N LEU A 47 20.83 27.81 -6.52
CA LEU A 47 21.26 28.59 -7.67
C LEU A 47 20.73 30.05 -7.55
N ASP A 48 21.44 31.05 -8.05
CA ASP A 48 20.85 32.40 -8.05
C ASP A 48 21.00 32.99 -9.45
N ILE A 49 20.12 32.57 -10.36
CA ILE A 49 20.20 33.04 -11.72
C ILE A 49 18.94 33.78 -12.18
N ASP A 50 19.12 34.66 -13.17
CA ASP A 50 17.96 35.29 -13.78
C ASP A 50 17.48 34.49 -15.02
N SER A 51 16.48 35.00 -15.72
CA SER A 51 15.87 34.30 -16.84
C SER A 51 16.77 34.11 -18.07
N ASP A 52 17.66 35.06 -18.27
CA ASP A 52 18.59 35.04 -19.39
C ASP A 52 19.66 34.00 -19.21
N THR A 53 20.12 33.87 -17.97
CA THR A 53 21.13 32.90 -17.63
C THR A 53 20.49 31.51 -17.71
N PHE A 54 19.24 31.41 -17.24
CA PHE A 54 18.45 30.17 -17.30
C PHE A 54 18.30 29.70 -18.74
N ARG A 55 18.02 30.65 -19.62
CA ARG A 55 17.95 30.42 -21.05
C ARG A 55 19.28 29.94 -21.64
N ASP A 56 20.38 30.60 -21.26
CA ASP A 56 21.73 30.19 -21.68
C ASP A 56 22.06 28.76 -21.27
N ILE A 57 21.70 28.39 -20.05
CA ILE A 57 21.91 27.05 -19.56
C ILE A 57 21.08 26.05 -20.36
N TYR A 58 19.76 26.25 -20.45
CA TYR A 58 18.95 25.24 -21.17
C TYR A 58 19.16 25.08 -22.67
N SER A 59 19.38 26.21 -23.38
CA SER A 59 19.48 26.23 -24.84
C SER A 59 20.68 25.52 -25.40
N ALA A 60 21.71 25.36 -24.57
CA ALA A 60 22.86 24.58 -24.96
C ALA A 60 22.57 23.06 -25.12
N TYR A 61 21.46 22.57 -24.59
CA TYR A 61 21.14 21.11 -24.61
C TYR A 61 20.56 20.62 -25.95
N GLY A 62 20.18 21.55 -26.82
CA GLY A 62 19.63 21.23 -28.11
C GLY A 62 18.84 22.36 -28.75
N THR A 63 17.89 22.02 -29.62
CA THR A 63 17.03 23.00 -30.26
C THR A 63 15.91 23.36 -29.31
N ILE A 64 15.67 24.66 -29.11
CA ILE A 64 14.59 25.15 -28.27
C ILE A 64 13.20 24.81 -28.82
N VAL A 65 12.37 24.18 -28.00
CA VAL A 65 11.02 23.88 -28.38
C VAL A 65 10.15 25.02 -27.89
N GLU A 66 9.37 25.57 -28.82
CA GLU A 66 8.54 26.72 -28.54
C GLU A 66 7.08 26.43 -28.18
N TYR A 67 6.46 27.39 -27.49
CA TYR A 67 5.04 27.33 -27.13
C TYR A 67 4.20 28.28 -28.01
N ARG A 79 8.91 32.77 -28.49
CA ARG A 79 8.25 32.06 -27.40
C ARG A 79 9.10 30.90 -26.85
N ASP A 80 10.20 31.23 -26.21
CA ASP A 80 11.09 30.23 -25.65
C ASP A 80 10.77 29.82 -24.21
N THR A 81 10.95 30.77 -23.29
CA THR A 81 10.77 30.51 -21.87
C THR A 81 9.33 30.72 -21.43
N LEU A 82 8.69 29.67 -20.90
CA LEU A 82 7.33 29.83 -20.41
C LEU A 82 7.33 30.19 -18.93
N LYS A 83 6.69 31.29 -18.61
CA LYS A 83 6.59 31.69 -17.22
C LYS A 83 5.32 31.09 -16.66
N LEU A 84 5.46 30.10 -15.78
CA LEU A 84 4.33 29.51 -15.09
C LEU A 84 4.21 30.24 -13.77
N GLU A 85 3.25 31.15 -13.68
CA GLU A 85 3.20 32.06 -12.54
C GLU A 85 1.94 31.96 -11.73
N GLY A 86 1.09 31.01 -12.07
CA GLY A 86 -0.17 30.83 -11.36
C GLY A 86 -1.20 31.91 -11.68
N GLU A 87 -1.41 32.17 -12.96
CA GLU A 87 -2.43 33.13 -13.40
C GLU A 87 -3.80 32.48 -13.30
N LYS A 88 -4.73 33.21 -12.68
CA LYS A 88 -6.09 32.72 -12.47
C LYS A 88 -6.90 32.67 -13.75
N GLY A 89 -7.70 31.61 -13.90
CA GLY A 89 -8.53 31.47 -15.08
C GLY A 89 -7.76 30.89 -16.24
N LYS A 90 -6.67 30.20 -15.92
CA LYS A 90 -5.80 29.54 -16.88
C LYS A 90 -5.53 28.11 -16.41
N ILE A 91 -4.92 27.31 -17.27
CA ILE A 91 -4.73 25.89 -16.96
C ILE A 91 -3.30 25.48 -16.62
N VAL A 92 -2.47 25.40 -17.67
CA VAL A 92 -1.05 25.03 -17.60
C VAL A 92 -0.26 26.08 -16.80
N THR A 93 -0.62 27.34 -17.05
CA THR A 93 -0.06 28.51 -16.39
C THR A 93 -0.99 28.86 -15.18
N GLY A 94 -1.94 27.98 -14.88
CA GLY A 94 -2.88 28.21 -13.80
C GLY A 94 -2.43 27.75 -12.44
N ARG A 95 -3.40 27.58 -11.54
CA ARG A 95 -3.12 27.27 -10.14
C ARG A 95 -3.52 25.86 -9.71
N GLY A 96 -4.04 25.10 -10.65
CA GLY A 96 -4.53 23.77 -10.31
C GLY A 96 -3.59 22.65 -10.63
N GLN A 97 -4.14 21.45 -10.63
CA GLN A 97 -3.39 20.23 -10.89
C GLN A 97 -3.06 20.07 -12.37
N LEU A 98 -1.88 19.57 -12.65
CA LEU A 98 -1.56 19.05 -13.95
C LEU A 98 -1.28 17.58 -13.63
N PRO A 99 -2.12 16.65 -14.06
CA PRO A 99 -1.88 15.22 -13.75
C PRO A 99 -0.80 14.63 -14.66
N PHE A 100 -0.40 13.39 -14.36
CA PHE A 100 0.70 12.70 -15.04
C PHE A 100 0.71 12.87 -16.54
N HIS A 101 1.85 13.32 -17.03
CA HIS A 101 2.10 13.49 -18.44
C HIS A 101 3.56 13.57 -18.81
N ALA A 102 3.82 13.49 -20.10
CA ALA A 102 5.10 13.88 -20.66
C ALA A 102 4.81 15.06 -21.57
N ASP A 103 5.81 15.91 -21.72
CA ASP A 103 5.63 17.13 -22.51
C ASP A 103 5.67 16.87 -24.00
N GLY A 104 4.89 17.67 -24.71
CA GLY A 104 4.90 17.68 -26.15
C GLY A 104 4.14 16.63 -26.93
N GLY A 105 3.11 16.00 -26.38
CA GLY A 105 2.35 15.05 -27.21
C GLY A 105 0.99 15.60 -27.63
N LEU A 106 0.68 16.82 -27.24
CA LEU A 106 -0.61 17.41 -27.56
C LEU A 106 -0.47 18.24 -28.81
N LEU A 107 0.57 19.09 -28.80
CA LEU A 107 1.08 19.68 -30.03
C LEU A 107 2.02 18.58 -30.54
N LEU A 108 2.28 18.48 -31.83
CA LEU A 108 3.18 17.41 -32.27
C LEU A 108 4.65 17.87 -32.26
N SER A 109 5.19 18.08 -31.07
CA SER A 109 6.55 18.59 -30.91
C SER A 109 7.41 17.69 -30.04
N GLN A 110 8.56 17.26 -30.56
CA GLN A 110 9.44 16.43 -29.77
C GLN A 110 10.03 17.23 -28.61
N VAL A 111 9.93 16.71 -27.40
CA VAL A 111 10.56 17.34 -26.25
C VAL A 111 11.40 16.27 -25.59
N ASP A 112 12.71 16.50 -25.53
CA ASP A 112 13.68 15.59 -24.90
C ASP A 112 13.99 15.98 -23.47
N GLN A 113 14.22 17.27 -23.22
CA GLN A 113 14.54 17.74 -21.88
C GLN A 113 13.64 18.89 -21.48
N VAL A 114 13.17 18.86 -20.24
CA VAL A 114 12.32 19.88 -19.65
C VAL A 114 13.08 20.50 -18.48
N PHE A 115 13.05 21.82 -18.36
CA PHE A 115 13.80 22.50 -17.33
C PHE A 115 12.84 23.37 -16.53
N LEU A 116 12.90 23.28 -15.21
CA LEU A 116 12.04 24.11 -14.38
C LEU A 116 12.83 24.84 -13.30
N TYR A 117 12.70 26.17 -13.26
CA TYR A 117 13.45 26.97 -12.32
C TYR A 117 12.56 27.80 -11.43
N ALA A 118 12.86 27.80 -10.15
CA ALA A 118 12.12 28.59 -9.20
C ALA A 118 12.62 30.01 -9.04
N ALA A 119 11.88 30.96 -9.61
CA ALA A 119 12.25 32.37 -9.51
C ALA A 119 11.73 33.00 -8.22
N GLU A 120 10.52 32.62 -7.82
CA GLU A 120 9.92 33.12 -6.57
C GLU A 120 8.91 32.19 -5.98
N ILE A 121 9.15 31.78 -4.73
CA ILE A 121 8.22 30.94 -4.00
C ILE A 121 7.94 31.54 -2.62
N LYS A 122 6.68 31.84 -2.36
CA LYS A 122 6.27 32.35 -1.06
C LYS A 122 5.00 31.65 -0.56
N ASN A 123 4.93 31.48 0.76
CA ASN A 123 3.78 30.91 1.50
C ASN A 123 3.32 29.50 1.12
N VAL A 124 4.24 28.66 0.69
CA VAL A 124 3.89 27.32 0.28
C VAL A 124 4.96 26.33 0.67
N LYS A 125 4.55 25.39 1.49
CA LYS A 125 5.46 24.40 2.03
C LYS A 125 5.03 22.96 1.74
N PHE A 126 3.75 22.75 1.45
CA PHE A 126 3.24 21.40 1.25
C PHE A 126 2.09 21.33 0.25
N ARG A 127 2.28 22.03 -0.84
CA ARG A 127 1.32 22.15 -1.92
C ARG A 127 2.12 22.53 -3.13
N GLY A 128 1.49 22.50 -4.30
CA GLY A 128 2.18 22.91 -5.53
C GLY A 128 3.45 22.19 -5.97
N ALA A 129 3.60 20.95 -5.53
CA ALA A 129 4.77 20.17 -5.90
C ALA A 129 4.83 19.81 -7.37
N THR A 130 6.04 19.74 -7.89
CA THR A 130 6.24 19.13 -9.19
C THR A 130 6.70 17.75 -8.80
N THR A 131 6.00 16.73 -9.28
CA THR A 131 6.39 15.37 -8.96
C THR A 131 6.94 14.61 -10.15
N VAL A 132 7.78 13.61 -9.90
CA VAL A 132 8.45 12.88 -10.98
C VAL A 132 8.31 11.33 -10.84
N CYS A 133 7.95 10.65 -11.92
CA CYS A 133 7.83 9.19 -11.89
C CYS A 133 8.79 8.39 -12.76
N ASP A 134 9.50 7.47 -12.13
CA ASP A 134 10.41 6.55 -12.80
C ASP A 134 9.54 5.50 -13.48
N HIS A 135 9.12 5.78 -14.72
CA HIS A 135 8.20 4.90 -15.41
C HIS A 135 8.79 3.62 -15.96
N ALA A 136 10.09 3.57 -16.21
CA ALA A 136 10.66 2.34 -16.78
C ALA A 136 10.77 1.25 -15.67
N LEU A 137 11.15 1.66 -14.47
CA LEU A 137 11.20 0.74 -13.34
C LEU A 137 9.79 0.31 -12.99
N ALA A 138 8.89 1.27 -12.96
CA ALA A 138 7.49 0.99 -12.67
C ALA A 138 6.81 0.04 -13.64
N CYS A 139 7.10 0.19 -14.93
CA CYS A 139 6.54 -0.69 -15.94
C CYS A 139 7.12 -2.10 -15.89
N GLN A 140 8.38 -2.19 -15.48
CA GLN A 140 9.06 -3.46 -15.32
C GLN A 140 8.50 -4.23 -14.09
N GLU A 141 7.99 -3.49 -13.09
CA GLU A 141 7.52 -4.13 -11.85
C GLU A 141 6.00 -4.15 -11.63
N MET A 142 5.24 -3.45 -12.47
CA MET A 142 3.78 -3.38 -12.34
C MET A 142 3.05 -4.70 -12.56
N PRO A 143 1.90 -4.90 -11.90
CA PRO A 143 1.07 -6.09 -12.20
C PRO A 143 0.73 -6.12 -13.68
N ALA A 144 0.83 -7.32 -14.27
CA ALA A 144 0.62 -7.61 -15.69
C ALA A 144 -0.69 -7.12 -16.31
N HIS A 145 -1.73 -6.95 -15.51
CA HIS A 145 -3.01 -6.52 -16.03
C HIS A 145 -3.02 -5.00 -16.24
N LEU A 146 -2.11 -4.28 -15.56
CA LEU A 146 -2.03 -2.85 -15.78
C LEU A 146 -1.15 -2.58 -16.98
N LEU A 147 -0.04 -3.31 -17.07
CA LEU A 147 0.91 -3.20 -18.19
C LEU A 147 0.29 -3.55 -19.53
N ARG A 148 -0.57 -4.57 -19.53
CA ARG A 148 -1.23 -5.08 -20.75
C ARG A 148 -2.03 -4.00 -21.46
N VAL A 149 -2.76 -3.20 -20.68
CA VAL A 149 -3.54 -2.08 -21.20
C VAL A 149 -2.65 -1.01 -21.84
N LEU A 150 -1.58 -0.64 -21.13
CA LEU A 150 -0.59 0.29 -21.62
C LEU A 150 0.09 -0.17 -22.93
N GLU A 151 0.38 -1.46 -23.05
CA GLU A 151 1.06 -1.99 -24.21
C GLU A 151 0.22 -2.34 -25.43
N GLU A 152 -1.03 -2.75 -25.24
CA GLU A 152 -1.81 -3.30 -26.35
C GLU A 152 -3.09 -2.54 -26.69
N GLU A 153 -3.45 -1.56 -25.87
CA GLU A 153 -4.72 -0.87 -26.04
C GLU A 153 -4.54 0.54 -26.63
N THR A 154 -5.58 1.08 -27.24
CA THR A 154 -5.43 2.39 -27.89
C THR A 154 -5.92 3.51 -26.98
N PHE A 155 -5.01 4.44 -26.71
CA PHE A 155 -5.25 5.58 -25.86
C PHE A 155 -5.46 6.86 -26.68
N GLU A 156 -6.58 7.54 -26.45
CA GLU A 156 -6.86 8.78 -27.18
C GLU A 156 -6.99 9.99 -26.24
N VAL A 157 -6.68 11.18 -26.78
CA VAL A 157 -6.73 12.42 -25.98
C VAL A 157 -7.50 13.55 -26.71
N ARG A 158 -8.37 14.25 -25.98
CA ARG A 158 -9.06 15.43 -26.48
C ARG A 158 -8.47 16.67 -25.80
N VAL A 159 -8.01 17.66 -26.57
CA VAL A 159 -7.50 18.89 -25.95
C VAL A 159 -8.66 19.86 -25.66
N LEU A 160 -8.81 20.23 -24.40
CA LEU A 160 -9.88 21.14 -23.99
C LEU A 160 -9.41 22.59 -23.93
N TRP A 173 -10.64 14.10 -30.99
CA TRP A 173 -9.99 12.93 -30.41
C TRP A 173 -8.88 12.38 -31.31
N PHE A 174 -7.68 12.26 -30.76
CA PHE A 174 -6.55 11.74 -31.52
C PHE A 174 -5.73 10.71 -30.75
N LYS A 175 -5.15 9.74 -31.47
CA LYS A 175 -4.32 8.69 -30.88
C LYS A 175 -2.95 9.18 -30.42
N VAL A 176 -2.60 8.86 -29.17
CA VAL A 176 -1.29 9.10 -28.60
C VAL A 176 -0.71 7.74 -28.20
N PRO A 177 0.42 7.34 -28.81
CA PRO A 177 1.01 6.04 -28.48
C PRO A 177 1.69 6.11 -27.11
N VAL A 178 1.40 5.10 -26.32
CA VAL A 178 1.89 5.02 -24.95
C VAL A 178 3.39 4.82 -24.96
N PHE A 179 3.82 3.88 -25.76
CA PHE A 179 5.22 3.57 -25.79
C PHE A 179 5.79 3.81 -27.18
N THR A 180 6.99 4.39 -27.18
CA THR A 180 7.77 4.61 -28.39
C THR A 180 9.15 4.08 -28.04
N ASP A 181 9.46 2.92 -28.61
CA ASP A 181 10.70 2.22 -28.36
C ASP A 181 11.92 2.96 -28.91
N LEU A 182 12.69 3.53 -28.00
CA LEU A 182 13.90 4.25 -28.38
C LEU A 182 15.11 3.38 -28.15
N GLY A 183 14.88 2.18 -27.61
CA GLY A 183 15.96 1.27 -27.32
C GLY A 183 16.40 1.26 -25.89
N TRP A 184 16.97 2.40 -25.51
CA TRP A 184 17.47 2.59 -24.17
C TRP A 184 16.34 2.77 -23.17
N VAL A 185 15.23 3.29 -23.68
CA VAL A 185 14.01 3.45 -22.94
C VAL A 185 12.79 3.32 -23.90
N ARG A 186 11.65 2.94 -23.35
CA ARG A 186 10.40 3.00 -24.09
C ARG A 186 9.83 4.31 -23.59
N LYS A 187 9.96 5.37 -24.40
CA LYS A 187 9.44 6.70 -24.05
C LYS A 187 7.94 6.67 -23.84
N MET A 188 7.52 7.25 -22.73
CA MET A 188 6.13 7.24 -22.38
C MET A 188 5.43 8.53 -22.72
N LEU A 189 4.34 8.42 -23.49
CA LEU A 189 3.49 9.56 -23.71
C LEU A 189 2.11 9.14 -23.24
N ILE A 190 1.64 9.78 -22.18
CA ILE A 190 0.33 9.50 -21.59
C ILE A 190 -0.23 10.77 -20.97
N TYR A 191 -1.54 10.90 -20.99
CA TYR A 191 -2.19 12.07 -20.43
C TYR A 191 -3.25 11.63 -19.44
N PHE A 192 -2.91 11.63 -18.15
CA PHE A 192 -3.87 11.21 -17.10
C PHE A 192 -5.10 12.13 -16.95
N PRO A 193 -6.24 11.64 -16.46
CA PRO A 193 -7.37 12.55 -16.25
C PRO A 193 -7.13 13.44 -15.06
N PHE A 194 -7.70 14.62 -15.15
CA PHE A 194 -7.65 15.61 -14.09
C PHE A 194 -8.61 15.13 -13.01
N ASP A 195 -8.25 15.36 -11.74
CA ASP A 195 -9.16 15.09 -10.61
C ASP A 195 -10.41 15.98 -10.68
N GLU A 196 -11.52 15.52 -10.11
CA GLU A 196 -12.76 16.30 -10.07
C GLU A 196 -12.56 17.60 -9.29
N GLY A 197 -12.93 18.72 -9.91
CA GLY A 197 -12.76 20.03 -9.31
C GLY A 197 -11.54 20.75 -9.87
N GLN A 198 -10.63 20.01 -10.49
CA GLN A 198 -9.47 20.64 -11.12
C GLN A 198 -9.80 20.92 -12.58
N PRO A 199 -9.58 22.16 -13.04
CA PRO A 199 -9.86 22.56 -14.43
C PRO A 199 -9.02 21.80 -15.44
N ALA A 200 -9.71 21.08 -16.31
CA ALA A 200 -9.07 20.23 -17.30
C ALA A 200 -8.64 20.95 -18.57
N SER A 201 -7.40 20.73 -18.96
CA SER A 201 -6.83 21.29 -20.17
C SER A 201 -6.87 20.17 -21.19
N TRP A 202 -7.02 18.95 -20.70
CA TRP A 202 -7.20 17.78 -21.58
C TRP A 202 -8.13 16.74 -20.99
N GLU A 203 -8.36 15.69 -21.75
CA GLU A 203 -9.27 14.60 -21.37
C GLU A 203 -8.86 13.31 -22.08
N PRO A 204 -8.55 12.25 -21.35
CA PRO A 204 -8.22 10.98 -21.97
C PRO A 204 -9.34 9.97 -22.15
N ARG A 205 -9.15 9.04 -23.06
CA ARG A 205 -10.09 7.93 -23.28
C ARG A 205 -9.31 6.72 -23.75
N ILE A 206 -9.81 5.52 -23.43
CA ILE A 206 -9.23 4.31 -23.98
C ILE A 206 -10.28 3.66 -24.87
N VAL A 207 -9.93 3.37 -26.13
CA VAL A 207 -10.88 2.78 -27.10
C VAL A 207 -11.22 1.36 -26.71
N GLY A 208 -12.52 1.08 -26.63
CA GLY A 208 -13.03 -0.22 -26.26
C GLY A 208 -13.37 -0.33 -24.78
N PHE A 209 -13.07 0.72 -24.03
CA PHE A 209 -13.33 0.76 -22.59
C PHE A 209 -14.47 1.71 -22.31
N THR A 210 -15.33 1.35 -21.36
CA THR A 210 -16.35 2.31 -20.94
C THR A 210 -15.76 3.35 -19.97
N ASP A 211 -16.55 4.39 -19.69
CA ASP A 211 -16.20 5.46 -18.73
C ASP A 211 -15.86 5.01 -17.29
N HIS A 212 -16.49 3.91 -16.86
CA HIS A 212 -16.26 3.28 -15.56
C HIS A 212 -14.88 2.66 -15.56
N GLU A 213 -14.61 1.94 -16.64
CA GLU A 213 -13.38 1.17 -16.81
C GLU A 213 -12.11 2.01 -16.94
N THR A 214 -12.20 3.09 -17.72
CA THR A 214 -11.11 4.03 -17.93
C THR A 214 -10.75 4.76 -16.67
N GLN A 215 -11.78 5.18 -15.93
CA GLN A 215 -11.60 5.86 -14.64
C GLN A 215 -10.94 4.91 -13.62
N ALA A 216 -11.40 3.67 -13.59
CA ALA A 216 -10.85 2.68 -12.69
C ALA A 216 -9.41 2.29 -13.04
N PHE A 217 -9.11 2.21 -14.33
CA PHE A 217 -7.76 1.89 -14.79
C PHE A 217 -6.79 2.96 -14.35
N PHE A 218 -7.14 4.22 -14.59
CA PHE A 218 -6.23 5.32 -14.27
C PHE A 218 -6.02 5.54 -12.79
N GLN A 219 -7.09 5.40 -12.00
CA GLN A 219 -7.01 5.53 -10.54
C GLN A 219 -6.05 4.50 -9.95
N GLU A 220 -6.15 3.27 -10.43
CA GLU A 220 -5.29 2.19 -9.98
C GLU A 220 -3.86 2.31 -10.51
N LEU A 221 -3.69 2.71 -11.76
CA LEU A 221 -2.37 2.92 -12.33
C LEU A 221 -1.68 4.11 -11.62
N GLY A 222 -2.44 5.17 -11.36
CA GLY A 222 -1.95 6.36 -10.66
C GLY A 222 -1.38 6.07 -9.29
N ALA A 223 -2.11 5.25 -8.54
CA ALA A 223 -1.66 4.81 -7.24
C ALA A 223 -0.40 3.95 -7.32
N PHE A 224 -0.30 3.11 -8.36
CA PHE A 224 0.91 2.33 -8.56
C PHE A 224 2.11 3.21 -8.83
N LEU A 225 1.97 4.16 -9.74
CA LEU A 225 3.06 5.06 -10.09
C LEU A 225 3.44 6.06 -8.98
N LYS A 226 2.55 6.26 -8.01
CA LYS A 226 2.83 7.17 -6.88
C LYS A 226 3.51 6.52 -5.69
N GLN A 227 3.83 5.24 -5.81
CA GLN A 227 4.56 4.53 -4.77
C GLN A 227 5.98 5.08 -4.69
N PRO A 228 6.45 5.32 -3.46
CA PRO A 228 7.77 5.95 -3.18
C PRO A 228 8.98 5.36 -3.92
N ARG A 229 8.94 4.07 -4.28
CA ARG A 229 9.98 3.43 -5.09
C ARG A 229 10.14 4.16 -6.45
N TYR A 230 9.03 4.61 -7.04
CA TYR A 230 9.09 5.26 -8.34
C TYR A 230 8.84 6.76 -8.35
N TYR A 231 8.58 7.37 -7.20
CA TYR A 231 7.97 8.70 -7.18
C TYR A 231 8.64 9.69 -6.27
N TYR A 232 9.03 10.82 -6.84
CA TYR A 232 9.69 11.86 -6.08
C TYR A 232 8.83 13.11 -6.10
N LYS A 233 8.66 13.76 -4.95
CA LYS A 233 7.93 15.01 -4.86
C LYS A 233 8.93 16.15 -4.59
N HIS A 234 8.92 17.15 -5.48
CA HIS A 234 9.76 18.32 -5.30
C HIS A 234 8.95 19.49 -4.81
N PHE A 235 9.21 19.92 -3.58
CA PHE A 235 8.60 21.10 -3.02
C PHE A 235 9.53 22.26 -3.28
N TRP A 236 8.99 23.30 -3.86
CA TRP A 236 9.81 24.36 -4.43
C TRP A 236 10.32 25.37 -3.45
N GLU A 237 11.59 25.76 -3.64
CA GLU A 237 12.22 26.86 -2.88
C GLU A 237 12.96 27.73 -3.88
N ASP A 238 13.13 29.03 -3.57
CA ASP A 238 13.85 29.99 -4.42
C ASP A 238 15.21 29.49 -4.90
N GLY A 239 15.42 29.52 -6.20
CA GLY A 239 16.65 29.03 -6.75
C GLY A 239 16.76 27.54 -7.07
N ASP A 240 15.69 26.77 -6.87
CA ASP A 240 15.74 25.37 -7.26
C ASP A 240 15.68 25.22 -8.77
N LEU A 241 16.47 24.30 -9.29
CA LEU A 241 16.39 23.92 -10.68
C LEU A 241 16.11 22.41 -10.77
N LEU A 242 15.01 22.06 -11.45
CA LEU A 242 14.64 20.69 -11.72
C LEU A 242 14.76 20.49 -13.23
N ILE A 243 15.57 19.53 -13.64
CA ILE A 243 15.67 19.18 -15.05
C ILE A 243 15.15 17.77 -15.23
N MET A 244 14.26 17.55 -16.20
CA MET A 244 13.77 16.20 -16.46
C MET A 244 14.08 15.75 -17.86
N ASP A 245 14.53 14.51 -18.00
CA ASP A 245 14.63 13.92 -19.30
C ASP A 245 13.19 13.44 -19.54
N ASN A 246 12.52 14.09 -20.48
CA ASN A 246 11.13 13.81 -20.89
C ASN A 246 10.86 12.43 -21.54
N ARG A 247 11.90 11.71 -21.99
CA ARG A 247 11.65 10.38 -22.55
C ARG A 247 11.68 9.34 -21.44
N ARG A 248 12.33 9.68 -20.33
CA ARG A 248 12.67 8.75 -19.27
C ARG A 248 11.71 8.80 -18.10
N VAL A 249 11.12 9.95 -17.86
CA VAL A 249 10.16 10.11 -16.79
C VAL A 249 8.89 10.78 -17.30
N ILE A 250 7.85 10.67 -16.48
CA ILE A 250 6.62 11.42 -16.69
C ILE A 250 6.44 12.24 -15.44
N HIS A 251 5.63 13.29 -15.53
CA HIS A 251 5.52 14.18 -14.41
C HIS A 251 4.17 14.79 -14.16
N GLU A 252 4.08 15.43 -13.02
CA GLU A 252 2.82 16.01 -12.61
C GLU A 252 3.04 17.25 -11.76
N ARG A 253 2.12 18.22 -11.85
CA ARG A 253 2.08 19.32 -10.91
C ARG A 253 0.86 19.17 -10.00
N GLU A 254 1.06 19.17 -8.68
CA GLU A 254 -0.06 19.10 -7.74
C GLU A 254 -0.62 20.52 -7.56
N GLU A 255 -1.90 20.63 -7.21
CA GLU A 255 -2.61 21.91 -7.05
C GLU A 255 -1.99 22.89 -6.03
N PHE A 256 -2.23 24.17 -6.25
CA PHE A 256 -1.77 25.18 -5.32
C PHE A 256 -2.81 26.28 -5.20
N ASN A 257 -4.06 25.86 -5.05
CA ASN A 257 -5.18 26.79 -5.01
C ASN A 257 -5.44 27.50 -3.66
N ASP A 258 -4.43 28.24 -3.22
CA ASP A 258 -4.53 29.14 -2.08
C ASP A 258 -4.04 30.43 -2.70
N ASP A 259 -4.82 31.51 -2.57
CA ASP A 259 -4.46 32.81 -3.16
C ASP A 259 -3.24 33.51 -2.52
N ASP A 260 -2.85 33.08 -1.31
CA ASP A 260 -1.67 33.60 -0.62
C ASP A 260 -0.36 33.09 -1.22
N ILE A 261 -0.43 32.01 -2.02
CA ILE A 261 0.75 31.39 -2.62
C ILE A 261 1.35 32.16 -3.78
N VAL A 262 2.65 32.41 -3.72
CA VAL A 262 3.37 32.90 -4.88
C VAL A 262 4.20 31.72 -5.35
N ARG A 263 4.01 31.33 -6.61
CA ARG A 263 4.78 30.25 -7.18
C ARG A 263 5.06 30.61 -8.63
N ARG A 264 6.25 31.13 -8.89
CA ARG A 264 6.61 31.56 -10.23
C ARG A 264 7.75 30.71 -10.73
N LEU A 265 7.49 29.95 -11.77
CA LEU A 265 8.49 29.11 -12.37
C LEU A 265 8.85 29.53 -13.78
N TYR A 266 10.10 29.33 -14.15
CA TYR A 266 10.50 29.55 -15.53
C TYR A 266 10.55 28.16 -16.16
N ARG A 267 10.14 28.03 -17.41
CA ARG A 267 10.15 26.72 -18.06
C ARG A 267 10.83 26.72 -19.41
N GLY A 268 11.78 25.82 -19.59
CA GLY A 268 12.45 25.67 -20.87
C GLY A 268 12.35 24.25 -21.38
N GLN A 269 12.31 24.11 -22.69
CA GLN A 269 12.17 22.81 -23.33
C GLN A 269 13.13 22.64 -24.51
N THR A 270 13.87 21.53 -24.55
CA THR A 270 14.79 21.25 -25.67
C THR A 270 14.59 19.86 -26.28
N ALA A 271 15.07 19.72 -27.52
CA ALA A 271 15.07 18.44 -28.26
C ALA A 271 16.11 18.38 -29.36
N ASP A 272 16.48 17.16 -29.73
CA ASP A 272 17.29 16.88 -30.90
C ASP A 272 16.47 15.96 -31.82
N SER B 2 9.85 -38.51 -14.33
CA SER B 2 8.81 -37.44 -14.20
C SER B 2 8.83 -36.53 -15.41
N GLU B 3 7.66 -36.26 -15.97
CA GLU B 3 7.58 -35.31 -17.09
C GLU B 3 7.54 -33.84 -16.62
N ILE B 4 8.05 -32.96 -17.48
CA ILE B 4 8.17 -31.54 -17.20
C ILE B 4 7.44 -30.71 -18.26
N VAL B 5 6.61 -29.76 -17.84
CA VAL B 5 6.09 -28.79 -18.77
C VAL B 5 6.82 -27.48 -18.68
N LYS B 6 6.91 -26.83 -19.83
CA LYS B 6 7.45 -25.48 -19.92
C LYS B 6 6.39 -24.53 -19.40
N PHE B 7 6.84 -23.58 -18.61
CA PHE B 7 5.98 -22.53 -18.09
C PHE B 7 6.76 -21.30 -17.67
N ASN B 8 6.06 -20.18 -17.60
CA ASN B 8 6.62 -18.98 -17.00
C ASN B 8 5.85 -18.63 -15.74
N PRO B 9 6.52 -18.11 -14.71
CA PRO B 9 5.82 -17.72 -13.49
C PRO B 9 4.94 -16.50 -13.69
N VAL B 10 3.82 -16.41 -12.98
CA VAL B 10 2.93 -15.29 -13.12
C VAL B 10 3.32 -14.16 -12.16
N MET B 11 3.59 -14.55 -10.92
CA MET B 11 4.02 -13.58 -9.91
C MET B 11 5.51 -13.40 -9.93
N ALA B 12 5.94 -12.22 -9.47
CA ALA B 12 7.35 -11.90 -9.23
C ALA B 12 7.99 -12.84 -8.21
N SER B 13 7.20 -13.35 -7.26
CA SER B 13 7.65 -14.33 -6.28
C SER B 13 7.89 -15.73 -6.84
N GLY B 14 7.50 -15.95 -8.09
CA GLY B 14 7.72 -17.24 -8.72
C GLY B 14 6.46 -18.11 -8.72
N PHE B 15 5.41 -17.63 -8.10
CA PHE B 15 4.11 -18.32 -8.01
C PHE B 15 3.31 -18.17 -9.32
N GLY B 16 2.40 -19.11 -9.60
CA GLY B 16 1.64 -19.05 -10.83
C GLY B 16 2.36 -19.68 -12.01
N ALA B 17 1.61 -20.07 -13.02
CA ALA B 17 2.21 -20.66 -14.21
C ALA B 17 1.48 -20.24 -15.45
N TYR B 18 2.11 -19.45 -16.34
CA TYR B 18 1.54 -19.21 -17.65
C TYR B 18 2.04 -20.37 -18.48
N ILE B 19 1.14 -21.07 -19.15
CA ILE B 19 1.55 -22.18 -20.02
C ILE B 19 1.00 -21.93 -21.41
N ASP B 20 1.88 -22.03 -22.41
CA ASP B 20 1.50 -21.93 -23.83
C ASP B 20 0.51 -23.05 -24.13
N HIS B 21 -0.51 -22.76 -24.94
CA HIS B 21 -1.58 -23.73 -25.23
C HIS B 21 -1.18 -25.07 -25.79
N ARG B 22 -0.13 -25.07 -26.62
CA ARG B 22 0.32 -26.29 -27.27
C ARG B 22 1.05 -27.16 -26.28
N ASP B 23 1.80 -26.50 -25.39
CA ASP B 23 2.53 -27.18 -24.33
C ASP B 23 1.55 -27.79 -23.33
N PHE B 24 0.44 -27.09 -23.04
CA PHE B 24 -0.62 -27.58 -22.16
C PHE B 24 -1.35 -28.77 -22.76
N LEU B 25 -1.65 -28.68 -24.05
CA LEU B 25 -2.39 -29.72 -24.75
C LEU B 25 -1.58 -31.01 -24.90
N GLU B 26 -0.27 -30.85 -25.08
CA GLU B 26 0.62 -32.01 -25.19
C GLU B 26 0.96 -32.61 -23.83
N ALA B 27 0.75 -31.84 -22.77
CA ALA B 27 1.08 -32.31 -21.44
C ALA B 27 0.15 -33.36 -20.90
N LYS B 28 0.73 -34.27 -20.15
CA LYS B 28 -0.05 -35.24 -19.42
C LYS B 28 -0.74 -34.52 -18.27
N THR B 29 -1.93 -35.03 -17.95
CA THR B 29 -2.79 -34.52 -16.89
C THR B 29 -2.05 -34.41 -15.56
N GLU B 30 -1.32 -35.46 -15.21
CA GLU B 30 -0.49 -35.56 -14.02
C GLU B 30 0.60 -34.48 -13.90
N THR B 31 1.17 -34.07 -15.02
CA THR B 31 2.18 -33.01 -15.05
C THR B 31 1.61 -31.65 -14.61
N ILE B 32 0.39 -31.34 -15.03
CA ILE B 32 -0.24 -30.07 -14.72
C ILE B 32 -0.81 -30.12 -13.32
N LYS B 33 -1.40 -31.26 -12.96
CA LYS B 33 -1.94 -31.51 -11.62
C LYS B 33 -0.88 -31.38 -10.54
N ASN B 34 0.29 -31.95 -10.81
CA ASN B 34 1.44 -31.78 -9.94
C ASN B 34 1.93 -30.33 -9.86
N LEU B 35 2.00 -29.65 -11.00
CA LEU B 35 2.52 -28.28 -11.03
C LEU B 35 1.64 -27.31 -10.23
N LEU B 36 0.33 -27.52 -10.38
CA LEU B 36 -0.70 -26.75 -9.71
C LEU B 36 -0.58 -26.74 -8.21
N MET B 37 -0.15 -27.86 -7.61
CA MET B 37 0.07 -27.93 -6.16
C MET B 37 1.08 -26.89 -5.67
N ARG B 38 2.17 -26.69 -6.39
CA ARG B 38 3.13 -25.71 -5.92
C ARG B 38 3.02 -24.33 -6.57
N GLN B 39 2.35 -24.24 -7.72
CA GLN B 39 2.27 -22.95 -8.37
C GLN B 39 0.94 -22.30 -8.11
N GLY B 40 0.01 -23.03 -7.50
CA GLY B 40 -1.30 -22.49 -7.19
C GLY B 40 -2.31 -22.38 -8.31
N PHE B 41 -1.87 -21.81 -9.42
CA PHE B 41 -2.75 -21.60 -10.56
C PHE B 41 -2.04 -21.68 -11.89
N VAL B 42 -2.78 -22.06 -12.92
CA VAL B 42 -2.29 -22.20 -14.27
C VAL B 42 -3.12 -21.32 -15.20
N VAL B 43 -2.46 -20.51 -16.03
CA VAL B 43 -3.12 -19.64 -16.99
C VAL B 43 -2.72 -20.04 -18.41
N VAL B 44 -3.71 -20.43 -19.21
CA VAL B 44 -3.49 -20.81 -20.59
C VAL B 44 -4.31 -19.88 -21.46
N LYS B 45 -3.72 -19.30 -22.51
CA LYS B 45 -4.48 -18.47 -23.44
C LYS B 45 -4.57 -19.15 -24.81
N ASN B 46 -5.51 -18.67 -25.63
CA ASN B 46 -5.79 -19.15 -27.00
C ASN B 46 -6.08 -20.64 -27.19
N LEU B 47 -6.95 -21.17 -26.33
CA LEU B 47 -7.40 -22.54 -26.43
C LEU B 47 -8.76 -22.54 -27.07
N ASP B 48 -8.94 -23.13 -28.24
CA ASP B 48 -10.25 -23.09 -28.87
C ASP B 48 -10.93 -24.44 -28.71
N ILE B 49 -11.56 -24.64 -27.56
CA ILE B 49 -12.25 -25.89 -27.30
C ILE B 49 -13.75 -25.68 -27.08
N ASP B 50 -14.52 -26.76 -27.21
CA ASP B 50 -15.95 -26.75 -26.88
C ASP B 50 -16.18 -27.37 -25.50
N SER B 51 -17.42 -27.33 -25.02
CA SER B 51 -17.76 -27.77 -23.66
C SER B 51 -17.51 -29.24 -23.35
N ASP B 52 -17.62 -30.08 -24.39
CA ASP B 52 -17.34 -31.51 -24.32
C ASP B 52 -15.85 -31.74 -24.13
N THR B 53 -15.03 -30.98 -24.86
CA THR B 53 -13.59 -31.08 -24.81
C THR B 53 -13.09 -30.54 -23.47
N PHE B 54 -13.75 -29.48 -22.99
CA PHE B 54 -13.47 -28.88 -21.70
C PHE B 54 -13.67 -29.92 -20.60
N ARG B 55 -14.81 -30.61 -20.71
CA ARG B 55 -15.15 -31.73 -19.82
C ARG B 55 -14.11 -32.84 -19.82
N ASP B 56 -13.67 -33.30 -21.01
CA ASP B 56 -12.58 -34.30 -21.15
C ASP B 56 -11.24 -33.87 -20.56
N ILE B 57 -10.97 -32.56 -20.60
CA ILE B 57 -9.74 -32.06 -20.03
C ILE B 57 -9.82 -32.13 -18.51
N TYR B 58 -10.86 -31.54 -17.94
CA TYR B 58 -10.97 -31.45 -16.49
C TYR B 58 -11.27 -32.74 -15.72
N SER B 59 -12.09 -33.61 -16.30
CA SER B 59 -12.48 -34.87 -15.66
C SER B 59 -11.35 -35.88 -15.49
N ALA B 60 -10.27 -35.73 -16.27
CA ALA B 60 -9.08 -36.55 -16.12
C ALA B 60 -8.27 -36.32 -14.82
N TYR B 61 -8.54 -35.21 -14.13
CA TYR B 61 -7.77 -34.77 -12.98
C TYR B 61 -8.23 -35.37 -11.64
N GLY B 62 -9.32 -36.12 -11.66
CA GLY B 62 -9.87 -36.73 -10.47
C GLY B 62 -11.34 -37.08 -10.62
N THR B 63 -12.02 -37.15 -9.49
CA THR B 63 -13.45 -37.46 -9.52
C THR B 63 -14.16 -36.13 -9.67
N ILE B 64 -15.17 -36.07 -10.53
CA ILE B 64 -15.95 -34.86 -10.73
C ILE B 64 -16.78 -34.54 -9.47
N VAL B 65 -16.62 -33.33 -8.97
CA VAL B 65 -17.48 -32.85 -7.91
C VAL B 65 -18.65 -32.19 -8.60
N GLU B 66 -19.85 -32.66 -8.28
CA GLU B 66 -21.05 -32.11 -8.84
C GLU B 66 -21.46 -30.81 -8.22
N TYR B 67 -22.01 -29.90 -9.02
CA TYR B 67 -22.41 -28.59 -8.50
C TYR B 67 -23.68 -28.62 -7.68
N ALA B 68 -23.81 -27.66 -6.77
CA ALA B 68 -24.95 -27.56 -5.85
C ALA B 68 -25.11 -26.16 -5.33
N GLY B 73 -32.95 -36.98 -3.56
CA GLY B 73 -32.26 -35.70 -3.67
C GLY B 73 -30.73 -35.73 -3.58
N VAL B 74 -30.11 -36.69 -4.28
CA VAL B 74 -28.65 -36.91 -4.35
C VAL B 74 -28.08 -36.66 -5.76
N GLY B 75 -26.84 -37.08 -6.01
CA GLY B 75 -26.21 -36.88 -7.31
C GLY B 75 -25.88 -38.11 -8.16
N PHE B 76 -25.99 -37.97 -9.48
CA PHE B 76 -25.76 -39.09 -10.39
C PHE B 76 -24.70 -38.83 -11.48
N GLY B 77 -23.91 -37.79 -11.29
CA GLY B 77 -22.85 -37.48 -12.24
C GLY B 77 -23.26 -36.57 -13.38
N TYR B 78 -24.45 -35.99 -13.31
CA TYR B 78 -24.95 -35.16 -14.41
C TYR B 78 -24.62 -33.68 -14.27
N ARG B 79 -24.63 -33.19 -13.03
CA ARG B 79 -24.34 -31.79 -12.76
C ARG B 79 -22.82 -31.53 -12.70
N ASP B 80 -22.15 -31.63 -13.84
CA ASP B 80 -20.71 -31.49 -13.87
C ASP B 80 -20.22 -30.08 -14.22
N THR B 81 -20.62 -29.60 -15.37
CA THR B 81 -20.16 -28.31 -15.85
C THR B 81 -21.13 -27.20 -15.49
N LEU B 82 -20.70 -26.28 -14.63
CA LEU B 82 -21.57 -25.15 -14.32
C LEU B 82 -21.34 -24.02 -15.29
N LYS B 83 -22.41 -23.55 -15.89
CA LYS B 83 -22.32 -22.45 -16.80
C LYS B 83 -22.59 -21.15 -16.05
N LEU B 84 -21.54 -20.36 -15.84
CA LEU B 84 -21.64 -19.06 -15.19
C LEU B 84 -21.78 -18.05 -16.31
N GLU B 85 -23.01 -17.71 -16.65
CA GLU B 85 -23.27 -16.89 -17.82
C GLU B 85 -23.83 -15.51 -17.54
N GLY B 86 -23.70 -15.06 -16.29
CA GLY B 86 -24.16 -13.74 -15.90
C GLY B 86 -25.67 -13.58 -15.99
N GLU B 87 -26.36 -14.54 -15.41
CA GLU B 87 -27.80 -14.56 -15.40
C GLU B 87 -28.30 -13.63 -14.31
N LYS B 88 -29.14 -12.67 -14.69
CA LYS B 88 -29.77 -11.74 -13.75
C LYS B 88 -30.67 -12.46 -12.73
N GLY B 89 -30.68 -11.96 -11.51
CA GLY B 89 -31.47 -12.56 -10.44
C GLY B 89 -30.77 -13.71 -9.71
N LYS B 90 -29.50 -13.91 -10.01
CA LYS B 90 -28.74 -14.98 -9.36
C LYS B 90 -27.49 -14.43 -8.68
N ILE B 91 -26.80 -15.27 -7.91
CA ILE B 91 -25.59 -14.81 -7.24
C ILE B 91 -24.34 -15.43 -7.84
N VAL B 92 -24.17 -16.74 -7.66
CA VAL B 92 -23.00 -17.47 -8.16
C VAL B 92 -22.96 -17.42 -9.67
N THR B 93 -24.10 -17.69 -10.30
CA THR B 93 -24.19 -17.55 -11.74
C THR B 93 -24.73 -16.19 -12.10
N GLY B 94 -24.70 -15.25 -11.16
CA GLY B 94 -25.14 -13.88 -11.38
C GLY B 94 -24.06 -12.93 -11.88
N ARG B 95 -24.28 -11.64 -11.66
CA ARG B 95 -23.39 -10.64 -12.26
C ARG B 95 -22.63 -9.79 -11.26
N GLY B 96 -22.78 -10.09 -9.98
CA GLY B 96 -22.16 -9.31 -8.94
C GLY B 96 -20.85 -9.93 -8.48
N GLN B 97 -20.34 -9.38 -7.41
CA GLN B 97 -19.08 -9.84 -6.80
C GLN B 97 -19.22 -11.21 -6.13
N LEU B 98 -18.22 -12.06 -6.27
CA LEU B 98 -18.10 -13.19 -5.39
C LEU B 98 -16.84 -12.86 -4.63
N PRO B 99 -16.95 -12.59 -3.33
CA PRO B 99 -15.77 -12.22 -2.54
C PRO B 99 -14.98 -13.44 -2.17
N PHE B 100 -13.78 -13.18 -1.62
CA PHE B 100 -12.81 -14.20 -1.24
C PHE B 100 -13.42 -15.48 -0.62
N HIS B 101 -13.17 -16.59 -1.31
CA HIS B 101 -13.56 -17.92 -0.89
C HIS B 101 -12.74 -18.97 -1.55
N ALA B 102 -12.89 -20.19 -1.07
CA ALA B 102 -12.41 -21.38 -1.78
C ALA B 102 -13.65 -22.20 -2.11
N ASP B 103 -13.58 -23.00 -3.16
CA ASP B 103 -14.70 -23.85 -3.53
C ASP B 103 -14.85 -25.10 -2.67
N GLY B 104 -16.03 -25.70 -2.76
CA GLY B 104 -16.43 -26.90 -2.05
C GLY B 104 -16.55 -26.71 -0.55
N GLY B 105 -16.50 -27.84 0.15
CA GLY B 105 -16.51 -27.86 1.61
C GLY B 105 -15.51 -28.88 2.09
N LEU B 106 -15.93 -29.69 3.03
CA LEU B 106 -15.06 -30.76 3.52
C LEU B 106 -15.59 -32.15 3.18
N LEU B 107 -14.76 -33.13 3.52
CA LEU B 107 -15.00 -34.57 3.33
C LEU B 107 -15.34 -34.91 1.89
N LEU B 108 -16.55 -35.36 1.63
CA LEU B 108 -16.92 -35.74 0.26
C LEU B 108 -17.22 -34.56 -0.67
N SER B 109 -17.53 -33.42 -0.08
CA SER B 109 -17.79 -32.28 -0.92
C SER B 109 -16.56 -31.37 -1.05
N GLN B 110 -15.37 -31.89 -0.77
CA GLN B 110 -14.16 -31.10 -0.98
C GLN B 110 -13.83 -30.98 -2.48
N VAL B 111 -13.15 -29.90 -2.81
CA VAL B 111 -12.72 -29.66 -4.19
C VAL B 111 -11.20 -29.49 -4.16
N ASP B 112 -10.47 -30.20 -5.01
CA ASP B 112 -9.03 -30.00 -5.10
C ASP B 112 -8.67 -29.07 -6.27
N GLN B 113 -9.37 -29.21 -7.39
CA GLN B 113 -9.05 -28.39 -8.55
C GLN B 113 -10.29 -27.71 -9.11
N VAL B 114 -10.15 -26.43 -9.45
CA VAL B 114 -11.24 -25.66 -10.06
C VAL B 114 -10.79 -25.23 -11.44
N PHE B 115 -11.65 -25.34 -12.44
CA PHE B 115 -11.32 -25.05 -13.80
C PHE B 115 -12.32 -24.05 -14.29
N LEU B 116 -11.82 -23.02 -14.95
CA LEU B 116 -12.67 -21.98 -15.53
C LEU B 116 -12.23 -21.68 -16.95
N TYR B 117 -13.12 -21.88 -17.93
CA TYR B 117 -12.84 -21.66 -19.34
C TYR B 117 -13.75 -20.59 -19.89
N ALA B 118 -13.21 -19.71 -20.72
CA ALA B 118 -13.99 -18.62 -21.25
C ALA B 118 -14.64 -18.94 -22.59
N ALA B 119 -15.94 -19.19 -22.58
CA ALA B 119 -16.65 -19.48 -23.82
C ALA B 119 -16.88 -18.24 -24.63
N GLU B 120 -17.35 -17.17 -23.97
CA GLU B 120 -17.68 -15.95 -24.67
C GLU B 120 -17.54 -14.73 -23.79
N ILE B 121 -16.72 -13.79 -24.23
CA ILE B 121 -16.50 -12.56 -23.52
C ILE B 121 -16.53 -11.41 -24.53
N LYS B 122 -17.41 -10.45 -24.26
CA LYS B 122 -17.59 -9.28 -25.13
C LYS B 122 -17.89 -8.06 -24.27
N ASN B 123 -17.43 -6.89 -24.74
CA ASN B 123 -17.62 -5.57 -24.11
C ASN B 123 -17.10 -5.42 -22.67
N VAL B 124 -16.04 -6.15 -22.33
CA VAL B 124 -15.50 -6.03 -20.99
C VAL B 124 -13.98 -6.08 -21.03
N LYS B 125 -13.38 -5.04 -20.48
CA LYS B 125 -11.94 -4.95 -20.49
C LYS B 125 -11.34 -4.68 -19.09
N PHE B 126 -12.14 -4.15 -18.17
CA PHE B 126 -11.66 -3.84 -16.82
C PHE B 126 -12.66 -4.07 -15.69
N ARG B 127 -13.55 -5.04 -15.86
CA ARG B 127 -14.48 -5.47 -14.82
C ARG B 127 -14.54 -6.98 -14.93
N GLY B 128 -15.25 -7.63 -14.03
CA GLY B 128 -15.43 -9.06 -14.14
C GLY B 128 -14.23 -10.00 -14.04
N ALA B 129 -13.14 -9.52 -13.45
CA ALA B 129 -11.99 -10.38 -13.24
C ALA B 129 -12.23 -11.51 -12.26
N THR B 130 -11.53 -12.61 -12.50
CA THR B 130 -11.46 -13.68 -11.52
C THR B 130 -10.13 -13.41 -10.90
N THR B 131 -10.06 -13.29 -9.58
CA THR B 131 -8.79 -13.00 -9.01
C THR B 131 -8.30 -14.13 -8.15
N VAL B 132 -6.98 -14.22 -7.95
CA VAL B 132 -6.38 -15.35 -7.24
C VAL B 132 -5.36 -14.89 -6.16
N CYS B 133 -5.42 -15.46 -4.95
CA CYS B 133 -4.54 -15.10 -3.86
C CYS B 133 -3.66 -16.22 -3.34
N ASP B 134 -2.35 -15.94 -3.28
CA ASP B 134 -1.35 -16.84 -2.74
C ASP B 134 -1.47 -16.76 -1.23
N HIS B 135 -2.36 -17.55 -0.64
CA HIS B 135 -2.59 -17.47 0.78
C HIS B 135 -1.50 -17.99 1.71
N ALA B 136 -0.71 -18.94 1.24
CA ALA B 136 0.31 -19.52 2.11
C ALA B 136 1.44 -18.51 2.33
N LEU B 137 1.82 -17.81 1.27
CA LEU B 137 2.86 -16.80 1.37
C LEU B 137 2.30 -15.61 2.13
N ALA B 138 1.03 -15.29 1.89
CA ALA B 138 0.41 -14.16 2.59
C ALA B 138 0.32 -14.40 4.09
N CYS B 139 -0.06 -15.61 4.49
CA CYS B 139 -0.12 -15.98 5.91
C CYS B 139 1.24 -16.03 6.58
N GLN B 140 2.27 -16.40 5.84
CA GLN B 140 3.66 -16.37 6.31
C GLN B 140 4.20 -14.92 6.52
N GLU B 141 3.64 -13.96 5.79
CA GLU B 141 4.23 -12.63 5.82
C GLU B 141 3.39 -11.56 6.51
N MET B 142 2.11 -11.86 6.76
CA MET B 142 1.14 -10.96 7.38
C MET B 142 1.49 -10.51 8.80
N PRO B 143 1.02 -9.34 9.24
CA PRO B 143 1.25 -8.97 10.64
C PRO B 143 0.58 -10.01 11.50
N ALA B 144 1.29 -10.42 12.55
CA ALA B 144 0.85 -11.44 13.48
C ALA B 144 -0.54 -11.23 14.07
N HIS B 145 -0.98 -9.98 14.20
CA HIS B 145 -2.31 -9.72 14.74
C HIS B 145 -3.43 -10.19 13.76
N LEU B 146 -3.14 -10.19 12.45
CA LEU B 146 -4.08 -10.76 11.48
C LEU B 146 -4.03 -12.28 11.48
N LEU B 147 -2.82 -12.86 11.52
CA LEU B 147 -2.63 -14.33 11.51
C LEU B 147 -3.25 -15.03 12.74
N ARG B 148 -3.14 -14.39 13.89
CA ARG B 148 -3.66 -14.91 15.15
C ARG B 148 -5.19 -15.06 15.14
N VAL B 149 -5.87 -14.15 14.46
CA VAL B 149 -7.32 -14.25 14.34
C VAL B 149 -7.70 -15.42 13.44
N LEU B 150 -6.98 -15.57 12.34
CA LEU B 150 -7.22 -16.65 11.41
C LEU B 150 -6.93 -18.05 12.03
N GLU B 151 -5.95 -18.09 12.92
CA GLU B 151 -5.51 -19.33 13.55
C GLU B 151 -6.29 -19.73 14.79
N GLU B 152 -6.78 -18.75 15.57
CA GLU B 152 -7.34 -19.09 16.88
C GLU B 152 -8.80 -18.75 17.10
N GLU B 153 -9.43 -18.08 16.13
CA GLU B 153 -10.81 -17.75 16.36
C GLU B 153 -11.76 -18.61 15.57
N THR B 154 -13.00 -18.68 16.03
CA THR B 154 -14.00 -19.48 15.34
C THR B 154 -14.76 -18.60 14.34
N PHE B 155 -14.69 -18.99 13.08
CA PHE B 155 -15.34 -18.28 11.98
C PHE B 155 -16.59 -19.05 11.66
N GLU B 156 -17.70 -18.35 11.59
CA GLU B 156 -18.95 -18.96 11.24
C GLU B 156 -19.56 -18.28 10.04
N VAL B 157 -20.39 -19.02 9.30
CA VAL B 157 -20.98 -18.53 8.05
C VAL B 157 -22.46 -18.94 8.01
N ARG B 158 -23.33 -18.11 7.43
CA ARG B 158 -24.68 -18.56 7.11
C ARG B 158 -25.03 -18.27 5.67
N VAL B 159 -25.99 -19.01 5.14
CA VAL B 159 -26.41 -18.85 3.77
C VAL B 159 -27.54 -17.82 3.77
N LEU B 160 -27.63 -16.97 2.75
CA LEU B 160 -28.70 -15.97 2.73
C LEU B 160 -29.89 -16.29 1.81
N GLY B 172 -28.71 -21.94 11.94
CA GLY B 172 -28.39 -21.34 10.64
C GLY B 172 -26.90 -21.06 10.48
N TRP B 173 -26.22 -20.83 11.59
CA TRP B 173 -24.80 -20.51 11.56
C TRP B 173 -23.95 -21.77 11.70
N PHE B 174 -22.95 -21.92 10.85
CA PHE B 174 -22.11 -23.11 10.88
C PHE B 174 -20.61 -22.78 10.85
N LYS B 175 -19.81 -23.62 11.52
CA LYS B 175 -18.38 -23.36 11.61
C LYS B 175 -17.62 -23.77 10.34
N VAL B 176 -16.77 -22.87 9.84
CA VAL B 176 -15.92 -23.16 8.69
C VAL B 176 -14.47 -23.10 9.19
N PRO B 177 -13.77 -24.23 9.19
CA PRO B 177 -12.39 -24.27 9.72
C PRO B 177 -11.47 -23.54 8.76
N VAL B 178 -10.79 -22.51 9.26
CA VAL B 178 -9.95 -21.67 8.42
C VAL B 178 -8.82 -22.46 7.82
N PHE B 179 -8.09 -23.14 8.67
CA PHE B 179 -6.98 -23.92 8.17
C PHE B 179 -7.17 -25.40 8.38
N THR B 180 -7.01 -26.17 7.31
CA THR B 180 -6.97 -27.64 7.36
C THR B 180 -5.59 -28.05 6.88
N ASP B 181 -4.78 -28.56 7.81
CA ASP B 181 -3.39 -28.86 7.56
C ASP B 181 -3.20 -30.17 6.77
N LEU B 182 -2.80 -30.00 5.50
CA LEU B 182 -2.50 -31.09 4.60
C LEU B 182 -1.02 -31.37 4.58
N GLY B 183 -0.28 -30.62 5.39
CA GLY B 183 1.15 -30.82 5.41
C GLY B 183 1.87 -29.92 4.46
N TRP B 184 1.60 -30.16 3.17
CA TRP B 184 2.23 -29.39 2.11
C TRP B 184 1.71 -27.96 2.04
N VAL B 185 0.48 -27.79 2.47
CA VAL B 185 -0.18 -26.50 2.61
C VAL B 185 -1.21 -26.61 3.75
N ARG B 186 -1.57 -25.47 4.34
CA ARG B 186 -2.73 -25.39 5.19
C ARG B 186 -3.84 -24.91 4.24
N LYS B 187 -4.70 -25.86 3.83
CA LYS B 187 -5.85 -25.63 2.97
C LYS B 187 -6.77 -24.64 3.65
N MET B 188 -7.11 -23.59 2.91
CA MET B 188 -7.91 -22.50 3.45
C MET B 188 -9.38 -22.52 3.05
N LEU B 189 -10.27 -22.34 4.00
CA LEU B 189 -11.70 -22.19 3.69
C LEU B 189 -12.13 -20.96 4.46
N ILE B 190 -12.63 -19.97 3.76
CA ILE B 190 -13.01 -18.69 4.35
C ILE B 190 -14.08 -18.08 3.47
N TYR B 191 -14.96 -17.27 4.01
CA TYR B 191 -15.98 -16.69 3.15
C TYR B 191 -16.04 -15.24 3.56
N PHE B 192 -15.44 -14.37 2.77
CA PHE B 192 -15.41 -12.94 3.04
C PHE B 192 -16.81 -12.33 2.88
N PRO B 193 -17.12 -11.20 3.54
CA PRO B 193 -18.43 -10.56 3.35
C PRO B 193 -18.51 -9.98 1.95
N PHE B 194 -19.69 -10.01 1.37
CA PHE B 194 -19.90 -9.39 0.09
C PHE B 194 -19.92 -7.89 0.40
N ASP B 195 -19.31 -7.09 -0.49
CA ASP B 195 -19.36 -5.61 -0.41
C ASP B 195 -20.80 -5.08 -0.44
N GLU B 196 -21.01 -3.92 0.18
CA GLU B 196 -22.31 -3.25 0.23
C GLU B 196 -22.82 -2.92 -1.18
N GLY B 197 -24.06 -3.32 -1.46
CA GLY B 197 -24.64 -3.10 -2.76
C GLY B 197 -24.56 -4.35 -3.64
N GLN B 198 -23.73 -5.30 -3.27
CA GLN B 198 -23.64 -6.56 -4.01
C GLN B 198 -24.54 -7.61 -3.35
N PRO B 199 -25.35 -8.31 -4.16
CA PRO B 199 -26.25 -9.35 -3.67
C PRO B 199 -25.50 -10.55 -3.08
N ALA B 200 -25.81 -10.85 -1.82
CA ALA B 200 -25.07 -11.84 -1.07
C ALA B 200 -25.74 -13.20 -0.93
N SER B 201 -25.00 -14.27 -1.19
CA SER B 201 -25.50 -15.61 -0.94
C SER B 201 -24.98 -16.09 0.41
N TRP B 202 -24.00 -15.38 0.96
CA TRP B 202 -23.50 -15.71 2.29
C TRP B 202 -23.16 -14.53 3.18
N GLU B 203 -23.05 -14.83 4.46
CA GLU B 203 -22.67 -13.82 5.44
C GLU B 203 -21.75 -14.45 6.49
N PRO B 204 -20.54 -13.91 6.71
CA PRO B 204 -19.66 -14.40 7.78
C PRO B 204 -19.85 -13.70 9.10
N ARG B 205 -19.30 -14.33 10.13
CA ARG B 205 -19.21 -13.74 11.47
C ARG B 205 -18.00 -14.40 12.15
N ILE B 206 -17.46 -13.73 13.15
CA ILE B 206 -16.42 -14.30 13.98
C ILE B 206 -16.96 -14.38 15.42
N VAL B 207 -16.93 -15.57 16.03
CA VAL B 207 -17.44 -15.76 17.39
C VAL B 207 -16.68 -14.93 18.43
N GLY B 208 -17.41 -14.11 19.19
CA GLY B 208 -16.81 -13.27 20.20
C GLY B 208 -16.31 -11.94 19.69
N PHE B 209 -16.46 -11.71 18.40
CA PHE B 209 -16.12 -10.42 17.82
C PHE B 209 -17.45 -9.71 17.56
N THR B 210 -17.48 -8.40 17.72
CA THR B 210 -18.67 -7.64 17.35
C THR B 210 -18.70 -7.41 15.83
N ASP B 211 -19.79 -6.80 15.35
CA ASP B 211 -19.98 -6.52 13.93
C ASP B 211 -18.92 -5.53 13.41
N HIS B 212 -18.59 -4.55 14.23
CA HIS B 212 -17.59 -3.53 13.98
C HIS B 212 -16.23 -4.19 13.83
N GLU B 213 -15.89 -5.07 14.76
CA GLU B 213 -14.61 -5.76 14.75
C GLU B 213 -14.42 -6.66 13.54
N THR B 214 -15.43 -7.47 13.26
CA THR B 214 -15.46 -8.39 12.12
C THR B 214 -15.39 -7.67 10.78
N GLN B 215 -16.14 -6.58 10.64
CA GLN B 215 -16.07 -5.73 9.46
C GLN B 215 -14.65 -5.15 9.30
N ALA B 216 -14.08 -4.66 10.40
CA ALA B 216 -12.73 -4.09 10.36
C ALA B 216 -11.64 -5.12 10.06
N PHE B 217 -11.80 -6.34 10.59
CA PHE B 217 -10.87 -7.44 10.36
C PHE B 217 -10.81 -7.81 8.90
N PHE B 218 -11.98 -8.06 8.32
CA PHE B 218 -12.10 -8.47 6.93
C PHE B 218 -11.62 -7.40 5.94
N GLN B 219 -11.86 -6.12 6.25
CA GLN B 219 -11.37 -5.02 5.44
C GLN B 219 -9.83 -5.02 5.42
N GLU B 220 -9.20 -5.16 6.58
CA GLU B 220 -7.76 -5.08 6.71
C GLU B 220 -7.07 -6.31 6.10
N LEU B 221 -7.69 -7.47 6.30
CA LEU B 221 -7.18 -8.75 5.78
C LEU B 221 -7.26 -8.73 4.28
N GLY B 222 -8.43 -8.31 3.77
CA GLY B 222 -8.68 -8.14 2.35
C GLY B 222 -7.65 -7.28 1.66
N ALA B 223 -7.33 -6.12 2.25
CA ALA B 223 -6.33 -5.22 1.73
C ALA B 223 -4.94 -5.85 1.73
N PHE B 224 -4.64 -6.64 2.77
CA PHE B 224 -3.36 -7.32 2.84
C PHE B 224 -3.25 -8.37 1.74
N LEU B 225 -4.32 -9.15 1.55
CA LEU B 225 -4.38 -10.21 0.56
C LEU B 225 -4.37 -9.68 -0.87
N LYS B 226 -4.83 -8.45 -1.07
CA LYS B 226 -4.88 -7.85 -2.40
C LYS B 226 -3.62 -7.12 -2.85
N GLN B 227 -2.59 -7.18 -2.04
CA GLN B 227 -1.32 -6.62 -2.43
C GLN B 227 -0.73 -7.46 -3.57
N PRO B 228 -0.15 -6.80 -4.59
CA PRO B 228 0.35 -7.46 -5.81
C PRO B 228 1.27 -8.67 -5.62
N ARG B 229 2.08 -8.69 -4.55
CA ARG B 229 2.92 -9.84 -4.21
C ARG B 229 2.13 -11.15 -4.08
N TYR B 230 0.91 -11.07 -3.60
CA TYR B 230 0.09 -12.27 -3.40
C TYR B 230 -1.10 -12.38 -4.32
N TYR B 231 -1.41 -11.33 -5.06
CA TYR B 231 -2.67 -11.22 -5.78
C TYR B 231 -2.55 -11.11 -7.30
N TYR B 232 -3.33 -11.93 -8.02
CA TYR B 232 -3.34 -11.91 -9.48
C TYR B 232 -4.73 -11.64 -9.97
N LYS B 233 -4.90 -10.68 -10.88
CA LYS B 233 -6.22 -10.41 -11.48
C LYS B 233 -6.26 -10.98 -12.89
N HIS B 234 -7.31 -11.72 -13.23
CA HIS B 234 -7.40 -12.27 -14.57
C HIS B 234 -8.52 -11.62 -15.36
N PHE B 235 -8.18 -10.82 -16.37
CA PHE B 235 -9.23 -10.23 -17.17
C PHE B 235 -9.48 -11.13 -18.34
N TRP B 236 -10.71 -11.58 -18.43
CA TRP B 236 -11.09 -12.61 -19.38
C TRP B 236 -11.09 -12.26 -20.85
N GLU B 237 -10.68 -13.23 -21.68
CA GLU B 237 -10.77 -13.18 -23.15
C GLU B 237 -11.18 -14.59 -23.61
N ASP B 238 -11.86 -14.70 -24.75
CA ASP B 238 -12.24 -15.97 -25.39
C ASP B 238 -11.08 -16.94 -25.46
N GLY B 239 -11.29 -18.16 -25.00
CA GLY B 239 -10.22 -19.13 -25.03
C GLY B 239 -9.30 -19.20 -23.84
N ASP B 240 -9.54 -18.37 -22.82
CA ASP B 240 -8.67 -18.44 -21.66
C ASP B 240 -9.07 -19.63 -20.80
N LEU B 241 -8.08 -20.33 -20.24
CA LEU B 241 -8.34 -21.39 -19.25
C LEU B 241 -7.55 -21.03 -18.00
N LEU B 242 -8.28 -20.95 -16.89
CA LEU B 242 -7.74 -20.68 -15.58
C LEU B 242 -7.97 -21.93 -14.71
N ILE B 243 -6.90 -22.60 -14.31
CA ILE B 243 -7.01 -23.74 -13.42
C ILE B 243 -6.48 -23.34 -12.05
N MET B 244 -7.22 -23.64 -10.99
CA MET B 244 -6.73 -23.33 -9.66
C MET B 244 -6.59 -24.57 -8.77
N ASP B 245 -5.51 -24.67 -8.01
CA ASP B 245 -5.48 -25.68 -6.97
C ASP B 245 -6.19 -25.01 -5.83
N ASN B 246 -7.37 -25.54 -5.54
CA ASN B 246 -8.29 -25.03 -4.53
C ASN B 246 -7.76 -25.13 -3.12
N ARG B 247 -6.79 -26.02 -2.84
CA ARG B 247 -6.23 -26.05 -1.50
C ARG B 247 -5.13 -25.01 -1.35
N ARG B 248 -4.63 -24.49 -2.46
CA ARG B 248 -3.44 -23.69 -2.40
C ARG B 248 -3.77 -22.22 -2.53
N VAL B 249 -4.87 -21.90 -3.19
CA VAL B 249 -5.23 -20.51 -3.32
C VAL B 249 -6.65 -20.28 -2.85
N ILE B 250 -7.01 -19.02 -2.64
CA ILE B 250 -8.39 -18.63 -2.51
C ILE B 250 -8.67 -17.67 -3.63
N HIS B 251 -9.93 -17.52 -3.97
CA HIS B 251 -10.25 -16.69 -5.11
C HIS B 251 -11.47 -15.86 -4.96
N GLU B 252 -11.62 -14.97 -5.94
CA GLU B 252 -12.68 -14.02 -5.93
C GLU B 252 -13.14 -13.69 -7.36
N ARG B 253 -14.42 -13.35 -7.53
CA ARG B 253 -14.87 -12.74 -8.79
C ARG B 253 -15.20 -11.26 -8.54
N GLU B 254 -14.66 -10.35 -9.34
CA GLU B 254 -15.06 -8.94 -9.26
C GLU B 254 -16.36 -8.73 -10.09
N GLU B 255 -17.14 -7.75 -9.67
CA GLU B 255 -18.42 -7.44 -10.28
C GLU B 255 -18.37 -7.12 -11.79
N PHE B 256 -19.48 -7.40 -12.47
CA PHE B 256 -19.61 -7.06 -13.87
C PHE B 256 -21.01 -6.57 -14.13
N ASN B 257 -21.52 -5.71 -13.26
CA ASN B 257 -22.90 -5.24 -13.37
C ASN B 257 -23.12 -4.12 -14.41
N ASP B 258 -22.89 -4.46 -15.67
CA ASP B 258 -23.16 -3.61 -16.82
C ASP B 258 -23.88 -4.56 -17.78
N ASP B 259 -25.07 -4.16 -18.21
CA ASP B 259 -25.94 -4.96 -19.08
C ASP B 259 -25.39 -5.29 -20.49
N ASP B 260 -24.46 -4.47 -20.97
CA ASP B 260 -23.82 -4.71 -22.23
C ASP B 260 -22.77 -5.84 -22.20
N ILE B 261 -22.28 -6.20 -21.02
CA ILE B 261 -21.30 -7.28 -20.89
C ILE B 261 -21.85 -8.69 -21.10
N VAL B 262 -21.21 -9.41 -22.02
CA VAL B 262 -21.40 -10.83 -22.18
C VAL B 262 -20.17 -11.44 -21.52
N ARG B 263 -20.42 -12.32 -20.57
CA ARG B 263 -19.36 -13.02 -19.86
C ARG B 263 -19.86 -14.42 -19.50
N ARG B 264 -19.50 -15.40 -20.33
CA ARG B 264 -19.90 -16.77 -20.11
C ARG B 264 -18.70 -17.67 -19.86
N LEU B 265 -18.59 -18.14 -18.62
CA LEU B 265 -17.56 -19.10 -18.28
C LEU B 265 -18.12 -20.49 -18.01
N TYR B 266 -17.33 -21.52 -18.29
CA TYR B 266 -17.73 -22.87 -17.93
C TYR B 266 -16.91 -23.23 -16.67
N ARG B 267 -17.55 -23.81 -15.66
CA ARG B 267 -16.86 -24.20 -14.46
C ARG B 267 -16.84 -25.70 -14.19
N GLY B 268 -15.63 -26.24 -13.97
CA GLY B 268 -15.46 -27.65 -13.63
C GLY B 268 -14.71 -27.82 -12.32
N GLN B 269 -15.11 -28.81 -11.51
CA GLN B 269 -14.44 -29.13 -10.23
C GLN B 269 -14.11 -30.60 -10.05
N THR B 270 -12.91 -30.88 -9.56
CA THR B 270 -12.46 -32.23 -9.26
C THR B 270 -11.80 -32.41 -7.92
N ALA B 271 -11.83 -33.65 -7.45
CA ALA B 271 -11.16 -34.00 -6.21
C ALA B 271 -10.66 -35.43 -6.21
N ASP B 272 -9.66 -35.67 -5.38
CA ASP B 272 -9.17 -37.02 -5.16
C ASP B 272 -9.67 -37.59 -3.82
N SER C 2 27.58 -9.55 32.18
CA SER C 2 26.62 -9.13 31.11
C SER C 2 25.71 -10.29 30.73
N GLU C 3 24.50 -10.30 31.28
CA GLU C 3 23.57 -11.39 31.06
C GLU C 3 22.74 -11.27 29.79
N ILE C 4 22.24 -12.42 29.33
CA ILE C 4 21.43 -12.53 28.14
C ILE C 4 20.01 -13.03 28.47
N VAL C 5 18.99 -12.37 27.92
CA VAL C 5 17.66 -12.92 28.02
C VAL C 5 17.25 -13.54 26.68
N LYS C 6 16.57 -14.67 26.75
CA LYS C 6 16.04 -15.30 25.56
C LYS C 6 14.84 -14.49 25.05
N PHE C 7 14.81 -14.26 23.74
CA PHE C 7 13.73 -13.54 23.06
C PHE C 7 13.54 -13.89 21.59
N ASN C 8 12.36 -13.56 21.07
CA ASN C 8 12.13 -13.67 19.65
C ASN C 8 11.73 -12.29 19.14
N PRO C 9 12.18 -11.92 17.93
CA PRO C 9 11.82 -10.61 17.36
C PRO C 9 10.33 -10.52 17.09
N VAL C 10 9.81 -9.31 17.17
CA VAL C 10 8.40 -9.14 16.88
C VAL C 10 8.24 -8.80 15.40
N MET C 11 9.05 -7.87 14.94
CA MET C 11 8.91 -7.47 13.55
C MET C 11 9.79 -8.33 12.67
N ALA C 12 9.44 -8.35 11.39
CA ALA C 12 10.24 -9.02 10.34
C ALA C 12 11.63 -8.40 10.20
N SER C 13 11.77 -7.13 10.57
CA SER C 13 13.05 -6.43 10.51
C SER C 13 14.02 -6.83 11.63
N GLY C 14 13.51 -7.53 12.65
CA GLY C 14 14.34 -7.89 13.79
C GLY C 14 14.07 -7.02 15.01
N PHE C 15 13.26 -5.98 14.86
CA PHE C 15 12.86 -5.09 15.96
C PHE C 15 11.82 -5.75 16.87
N GLY C 16 11.69 -5.28 18.11
CA GLY C 16 10.73 -5.84 19.04
C GLY C 16 11.25 -7.04 19.80
N ALA C 17 10.69 -7.30 20.97
CA ALA C 17 11.08 -8.51 21.67
C ALA C 17 9.91 -9.26 22.35
N TYR C 18 9.59 -10.48 21.91
CA TYR C 18 8.63 -11.30 22.63
C TYR C 18 9.47 -12.04 23.64
N ILE C 19 9.09 -11.98 24.91
CA ILE C 19 9.86 -12.66 25.96
C ILE C 19 8.88 -13.48 26.77
N ASP C 20 9.18 -14.75 26.98
CA ASP C 20 8.35 -15.63 27.79
C ASP C 20 8.38 -15.15 29.26
N HIS C 21 7.21 -15.24 29.91
CA HIS C 21 7.02 -14.77 31.28
C HIS C 21 7.96 -15.33 32.33
N ARG C 22 8.37 -16.59 32.19
CA ARG C 22 9.33 -17.20 33.10
C ARG C 22 10.73 -16.61 32.85
N ASP C 23 11.07 -16.42 31.58
CA ASP C 23 12.36 -15.84 31.20
C ASP C 23 12.47 -14.40 31.64
N PHE C 24 11.38 -13.67 31.50
CA PHE C 24 11.28 -12.26 31.90
C PHE C 24 11.49 -12.10 33.40
N LEU C 25 10.82 -12.93 34.21
CA LEU C 25 10.93 -12.85 35.66
C LEU C 25 12.25 -13.34 36.24
N GLU C 26 12.94 -14.21 35.51
CA GLU C 26 14.24 -14.74 35.96
C GLU C 26 15.33 -13.73 35.66
N ALA C 27 15.10 -12.91 34.63
CA ALA C 27 16.06 -11.93 34.17
C ALA C 27 16.17 -10.73 35.08
N LYS C 28 17.41 -10.25 35.20
CA LYS C 28 17.71 -9.01 35.91
C LYS C 28 17.09 -7.82 35.18
N THR C 29 16.74 -6.79 35.94
CA THR C 29 16.20 -5.53 35.42
C THR C 29 17.10 -4.88 34.31
N GLU C 30 18.40 -4.92 34.52
CA GLU C 30 19.35 -4.29 33.61
C GLU C 30 19.42 -5.00 32.23
N THR C 31 19.21 -6.31 32.21
CA THR C 31 19.18 -7.08 30.97
C THR C 31 18.01 -6.66 30.06
N ILE C 32 16.84 -6.44 30.67
CA ILE C 32 15.64 -6.01 29.96
C ILE C 32 15.77 -4.56 29.55
N LYS C 33 16.31 -3.74 30.44
CA LYS C 33 16.55 -2.30 30.22
C LYS C 33 17.50 -2.08 29.07
N ASN C 34 18.54 -2.90 29.03
CA ASN C 34 19.48 -2.88 27.93
C ASN C 34 18.85 -3.28 26.61
N LEU C 35 18.13 -4.40 26.60
CA LEU C 35 17.50 -4.94 25.38
C LEU C 35 16.49 -3.98 24.74
N LEU C 36 15.75 -3.27 25.59
CA LEU C 36 14.78 -2.25 25.18
C LEU C 36 15.37 -1.08 24.36
N MET C 37 16.61 -0.72 24.63
CA MET C 37 17.28 0.33 23.88
C MET C 37 17.41 0.00 22.38
N ARG C 38 17.84 -1.21 22.06
CA ARG C 38 17.91 -1.62 20.68
C ARG C 38 16.60 -2.24 20.15
N GLN C 39 15.78 -2.87 20.97
CA GLN C 39 14.59 -3.53 20.40
C GLN C 39 13.35 -2.68 20.41
N GLY C 40 13.45 -1.54 21.10
CA GLY C 40 12.34 -0.59 21.20
C GLY C 40 11.22 -0.97 22.15
N PHE C 41 10.81 -2.23 22.08
CA PHE C 41 9.68 -2.70 22.87
C PHE C 41 9.74 -4.16 23.33
N VAL C 42 9.15 -4.44 24.50
CA VAL C 42 9.11 -5.79 25.01
C VAL C 42 7.65 -6.22 25.23
N VAL C 43 7.29 -7.41 24.73
CA VAL C 43 5.98 -7.95 24.93
C VAL C 43 6.09 -9.24 25.73
N VAL C 44 5.41 -9.27 26.88
CA VAL C 44 5.36 -10.43 27.73
C VAL C 44 3.88 -10.81 27.86
N LYS C 45 3.52 -12.06 27.58
CA LYS C 45 2.15 -12.58 27.82
C LYS C 45 2.09 -13.53 29.03
N ASN C 46 0.89 -13.72 29.57
CA ASN C 46 0.58 -14.63 30.71
C ASN C 46 1.32 -14.38 32.02
N LEU C 47 1.43 -13.13 32.39
CA LEU C 47 2.10 -12.77 33.62
C LEU C 47 1.02 -12.52 34.65
N ASP C 48 1.10 -13.13 35.82
CA ASP C 48 0.02 -12.94 36.77
C ASP C 48 0.44 -12.10 37.99
N ILE C 49 0.37 -10.79 37.84
CA ILE C 49 0.75 -9.91 38.96
C ILE C 49 -0.34 -8.94 39.37
N ASP C 50 -0.23 -8.44 40.59
CA ASP C 50 -1.17 -7.43 41.06
C ASP C 50 -0.53 -6.04 40.85
N SER C 51 -1.18 -4.98 41.31
CA SER C 51 -0.64 -3.64 41.10
C SER C 51 0.63 -3.27 41.90
N ASP C 52 0.81 -3.91 43.06
CA ASP C 52 1.97 -3.68 43.91
C ASP C 52 3.22 -4.33 43.30
N THR C 53 3.03 -5.50 42.69
CA THR C 53 4.11 -6.26 42.08
C THR C 53 4.51 -5.59 40.77
N PHE C 54 3.51 -4.99 40.12
CA PHE C 54 3.70 -4.19 38.92
C PHE C 54 4.63 -3.04 39.22
N ARG C 55 4.34 -2.35 40.32
CA ARG C 55 5.17 -1.24 40.83
C ARG C 55 6.57 -1.67 41.15
N ASP C 56 6.76 -2.82 41.77
CA ASP C 56 8.07 -3.37 42.09
C ASP C 56 8.87 -3.74 40.83
N ILE C 57 8.17 -4.18 39.77
CA ILE C 57 8.89 -4.49 38.55
C ILE C 57 9.36 -3.20 37.86
N TYR C 58 8.45 -2.27 37.61
CA TYR C 58 8.84 -1.05 36.89
C TYR C 58 9.78 -0.08 37.62
N SER C 59 9.62 0.08 38.94
CA SER C 59 10.45 0.99 39.76
C SER C 59 11.92 0.65 39.82
N ALA C 60 12.29 -0.59 39.50
CA ALA C 60 13.69 -0.94 39.44
C ALA C 60 14.42 -0.37 38.19
N TYR C 61 13.70 0.16 37.21
CA TYR C 61 14.30 0.61 35.93
C TYR C 61 14.81 2.06 35.97
N GLY C 62 14.43 2.78 37.02
CA GLY C 62 14.90 4.13 37.21
C GLY C 62 14.09 4.89 38.26
N THR C 63 14.17 6.20 38.21
CA THR C 63 13.37 7.04 39.07
C THR C 63 11.99 7.16 38.44
N ILE C 64 10.95 6.95 39.25
CA ILE C 64 9.55 7.01 38.82
C ILE C 64 9.11 8.43 38.41
N VAL C 65 8.49 8.56 37.25
CA VAL C 65 7.93 9.83 36.83
C VAL C 65 6.47 9.85 37.23
N GLU C 66 6.10 10.81 38.06
CA GLU C 66 4.72 10.91 38.51
C GLU C 66 3.89 11.70 37.51
N ASP C 80 1.62 7.33 41.52
CA ASP C 80 2.75 6.81 40.77
C ASP C 80 2.37 5.85 39.60
N THR C 81 1.35 5.02 39.81
CA THR C 81 0.80 4.12 38.78
C THR C 81 -0.50 4.72 38.25
N LEU C 82 -0.57 4.97 36.94
CA LEU C 82 -1.82 5.49 36.38
C LEU C 82 -2.76 4.37 35.94
N LYS C 83 -3.99 4.42 36.44
CA LYS C 83 -4.99 3.47 36.04
C LYS C 83 -5.75 3.99 34.81
N LEU C 84 -5.49 3.37 33.66
CA LEU C 84 -6.21 3.70 32.42
C LEU C 84 -7.37 2.70 32.25
N GLU C 85 -8.55 3.07 32.75
CA GLU C 85 -9.68 2.14 32.83
C GLU C 85 -10.89 2.45 31.96
N GLY C 86 -10.73 3.34 30.99
CA GLY C 86 -11.79 3.71 30.07
C GLY C 86 -12.97 4.42 30.71
N GLU C 87 -12.71 5.61 31.23
CA GLU C 87 -13.73 6.41 31.88
C GLU C 87 -14.40 7.33 30.89
N LYS C 88 -15.73 7.20 30.77
CA LYS C 88 -16.55 8.05 29.91
C LYS C 88 -16.57 9.50 30.39
N GLY C 89 -15.94 10.39 29.64
CA GLY C 89 -15.88 11.79 30.00
C GLY C 89 -14.44 12.25 30.07
N LYS C 90 -13.53 11.32 29.85
CA LYS C 90 -12.10 11.63 29.93
C LYS C 90 -11.38 11.39 28.60
N ILE C 91 -10.14 11.84 28.54
CA ILE C 91 -9.34 11.79 27.32
C ILE C 91 -8.27 10.72 27.41
N VAL C 92 -7.22 10.99 28.17
CA VAL C 92 -6.10 10.06 28.35
C VAL C 92 -6.51 8.78 29.08
N THR C 93 -7.38 8.91 30.08
CA THR C 93 -7.90 7.77 30.81
C THR C 93 -9.32 7.44 30.31
N GLY C 94 -9.63 7.94 29.12
CA GLY C 94 -10.89 7.74 28.47
C GLY C 94 -10.95 6.59 27.47
N ARG C 95 -11.90 6.67 26.55
CA ARG C 95 -12.21 5.53 25.69
C ARG C 95 -11.90 5.68 24.22
N GLY C 96 -11.39 6.83 23.85
CA GLY C 96 -11.09 7.08 22.45
C GLY C 96 -9.61 6.99 22.11
N GLN C 97 -9.32 7.44 20.90
CA GLN C 97 -7.98 7.41 20.31
C GLN C 97 -6.99 8.29 21.04
N LEU C 98 -5.77 7.82 21.20
CA LEU C 98 -4.71 8.68 21.65
C LEU C 98 -3.75 8.50 20.48
N PRO C 99 -3.52 9.50 19.64
CA PRO C 99 -2.72 9.31 18.44
C PRO C 99 -1.22 9.34 18.75
N PHE C 100 -0.41 9.03 17.72
CA PHE C 100 1.05 8.95 17.79
C PHE C 100 1.69 10.03 18.65
N HIS C 101 2.40 9.57 19.67
CA HIS C 101 3.10 10.43 20.59
C HIS C 101 4.18 9.69 21.29
N ALA C 102 5.00 10.44 22.00
CA ALA C 102 5.96 9.88 22.93
C ALA C 102 5.51 10.37 24.27
N ASP C 103 5.93 9.70 25.31
CA ASP C 103 5.50 10.15 26.61
C ASP C 103 6.43 11.24 27.15
N GLY C 104 5.84 12.16 27.91
CA GLY C 104 6.60 13.15 28.66
C GLY C 104 6.77 14.57 28.21
N GLY C 105 6.81 14.80 26.90
CA GLY C 105 7.14 16.13 26.38
C GLY C 105 6.05 17.21 26.36
N LEU C 106 4.84 16.88 26.81
CA LEU C 106 3.80 17.91 26.86
C LEU C 106 3.74 18.50 28.28
N LEU C 107 4.24 17.73 29.25
CA LEU C 107 4.29 18.19 30.64
C LEU C 107 5.72 18.50 31.02
N LEU C 108 6.61 18.28 30.04
CA LEU C 108 8.06 18.52 30.13
C LEU C 108 8.82 17.75 31.22
N SER C 109 8.54 16.46 31.30
CA SER C 109 9.23 15.53 32.19
C SER C 109 9.91 14.52 31.27
N GLN C 110 11.15 14.15 31.59
CA GLN C 110 11.83 13.10 30.84
C GLN C 110 11.20 11.73 31.14
N VAL C 111 10.82 10.99 30.10
CA VAL C 111 10.36 9.62 30.28
C VAL C 111 11.21 8.71 29.40
N ASP C 112 11.89 7.74 30.01
CA ASP C 112 12.75 6.82 29.27
C ASP C 112 12.01 5.50 28.99
N GLN C 113 11.33 4.96 29.98
CA GLN C 113 10.62 3.70 29.80
C GLN C 113 9.15 3.82 30.20
N VAL C 114 8.25 3.23 29.41
CA VAL C 114 6.82 3.25 29.66
C VAL C 114 6.35 1.79 29.78
N PHE C 115 5.55 1.49 30.81
CA PHE C 115 5.14 0.13 31.07
C PHE C 115 3.63 0.07 31.05
N LEU C 116 3.08 -0.94 30.40
CA LEU C 116 1.64 -1.07 30.37
C LEU C 116 1.27 -2.51 30.70
N TYR C 117 0.42 -2.67 31.72
CA TYR C 117 0.01 -3.99 32.14
C TYR C 117 -1.50 -4.15 32.08
N ALA C 118 -1.97 -5.22 31.47
CA ALA C 118 -3.39 -5.45 31.37
C ALA C 118 -3.96 -6.12 32.60
N ALA C 119 -4.66 -5.32 33.41
CA ALA C 119 -5.34 -5.84 34.58
C ALA C 119 -6.59 -6.61 34.21
N GLU C 120 -7.38 -6.08 33.25
CA GLU C 120 -8.65 -6.70 32.86
C GLU C 120 -9.11 -6.35 31.45
N ILE C 121 -9.26 -7.35 30.62
CA ILE C 121 -9.73 -7.16 29.26
C ILE C 121 -10.89 -8.11 28.97
N LYS C 122 -12.01 -7.52 28.59
CA LYS C 122 -13.22 -8.26 28.37
C LYS C 122 -13.95 -7.59 27.22
N ASN C 123 -14.54 -8.44 26.37
CA ASN C 123 -15.34 -8.05 25.20
C ASN C 123 -14.68 -7.21 24.13
N VAL C 124 -13.37 -7.37 23.96
CA VAL C 124 -12.65 -6.60 22.96
C VAL C 124 -11.58 -7.46 22.29
N LYS C 125 -11.64 -7.55 20.97
CA LYS C 125 -10.72 -8.41 20.25
C LYS C 125 -10.05 -7.72 19.06
N PHE C 126 -10.64 -6.63 18.57
CA PHE C 126 -10.10 -5.92 17.42
C PHE C 126 -10.29 -4.41 17.51
N ARG C 127 -10.32 -3.91 18.75
CA ARG C 127 -10.38 -2.48 19.05
C ARG C 127 -9.41 -2.25 20.21
N GLY C 128 -9.18 -0.99 20.55
CA GLY C 128 -8.37 -0.64 21.72
C GLY C 128 -6.92 -1.05 21.78
N ALA C 129 -6.31 -1.22 20.60
CA ALA C 129 -4.90 -1.60 20.54
C ALA C 129 -3.99 -0.51 21.03
N THR C 130 -2.91 -0.90 21.70
CA THR C 130 -1.80 0.02 21.89
C THR C 130 -0.89 -0.29 20.72
N THR C 131 -0.53 0.70 19.93
CA THR C 131 0.34 0.41 18.79
C THR C 131 1.70 1.07 18.92
N VAL C 132 2.73 0.55 18.27
CA VAL C 132 4.09 0.99 18.49
C VAL C 132 4.81 1.19 17.17
N CYS C 133 5.52 2.32 17.01
CA CYS C 133 6.22 2.59 15.75
C CYS C 133 7.75 2.71 15.82
N ASP C 134 8.44 1.96 14.95
CA ASP C 134 9.89 1.98 14.86
C ASP C 134 10.27 3.24 14.10
N HIS C 135 10.39 4.36 14.81
CA HIS C 135 10.72 5.63 14.16
C HIS C 135 12.08 5.77 13.56
N ALA C 136 13.10 5.17 14.18
CA ALA C 136 14.45 5.31 13.61
C ALA C 136 14.58 4.62 12.25
N LEU C 137 13.96 3.46 12.08
CA LEU C 137 13.99 2.77 10.78
C LEU C 137 13.10 3.52 9.77
N ALA C 138 12.00 4.08 10.26
CA ALA C 138 11.08 4.79 9.39
C ALA C 138 11.67 6.09 8.89
N CYS C 139 12.35 6.82 9.78
CA CYS C 139 12.98 8.07 9.39
C CYS C 139 14.10 7.85 8.38
N GLN C 140 14.81 6.72 8.51
CA GLN C 140 15.87 6.28 7.62
C GLN C 140 15.38 5.92 6.19
N GLU C 141 14.13 5.44 6.12
CA GLU C 141 13.61 4.93 4.87
C GLU C 141 12.55 5.81 4.22
N MET C 142 12.04 6.79 4.96
CA MET C 142 10.96 7.67 4.46
C MET C 142 11.39 8.58 3.31
N PRO C 143 10.45 8.94 2.42
CA PRO C 143 10.76 9.90 1.36
C PRO C 143 11.27 11.21 1.95
N ALA C 144 12.31 11.74 1.28
CA ALA C 144 13.00 12.96 1.63
C ALA C 144 12.12 14.16 1.99
N HIS C 145 10.97 14.30 1.31
CA HIS C 145 10.05 15.38 1.60
C HIS C 145 9.37 15.26 2.96
N LEU C 146 9.22 14.04 3.48
CA LEU C 146 8.58 13.87 4.79
C LEU C 146 9.59 14.16 5.91
N LEU C 147 10.79 13.62 5.74
CA LEU C 147 11.87 13.76 6.70
C LEU C 147 12.35 15.22 6.85
N ARG C 148 12.32 15.95 5.74
CA ARG C 148 12.74 17.35 5.69
C ARG C 148 11.91 18.26 6.59
N VAL C 149 10.59 18.10 6.54
CA VAL C 149 9.67 18.81 7.44
C VAL C 149 9.98 18.45 8.88
N LEU C 150 10.14 17.17 9.18
CA LEU C 150 10.47 16.73 10.54
C LEU C 150 11.81 17.31 11.12
N GLU C 151 12.80 17.50 10.24
CA GLU C 151 14.13 17.92 10.66
C GLU C 151 14.32 19.42 10.65
N GLU C 152 13.62 20.12 9.78
CA GLU C 152 13.85 21.54 9.60
C GLU C 152 12.75 22.47 10.08
N GLU C 153 11.54 21.95 10.25
CA GLU C 153 10.44 22.83 10.64
C GLU C 153 10.09 22.83 12.12
N THR C 154 9.50 23.93 12.57
CA THR C 154 9.16 24.06 13.98
C THR C 154 7.79 23.50 14.27
N PHE C 155 7.74 22.54 15.18
CA PHE C 155 6.46 21.94 15.55
C PHE C 155 6.01 22.50 16.91
N GLU C 156 4.78 22.98 16.96
CA GLU C 156 4.21 23.44 18.21
C GLU C 156 2.92 22.68 18.61
N VAL C 157 2.65 22.62 19.93
CA VAL C 157 1.51 21.88 20.52
C VAL C 157 0.80 22.75 21.57
N ARG C 158 -0.53 22.69 21.61
CA ARG C 158 -1.26 23.29 22.73
C ARG C 158 -2.10 22.24 23.45
N VAL C 159 -2.31 22.44 24.75
CA VAL C 159 -3.06 21.46 25.53
C VAL C 159 -4.55 21.80 25.58
N LEU C 160 -5.42 20.81 25.37
CA LEU C 160 -6.86 20.99 25.45
C LEU C 160 -7.42 20.20 26.66
N TRP C 173 0.41 27.62 23.08
CA TRP C 173 1.35 27.16 22.05
C TRP C 173 2.81 27.14 22.47
N PHE C 174 3.39 25.96 22.47
CA PHE C 174 4.81 25.82 22.82
C PHE C 174 5.52 24.80 21.95
N LYS C 175 6.81 25.04 21.76
CA LYS C 175 7.64 24.20 20.89
C LYS C 175 8.01 22.85 21.49
N VAL C 176 7.82 21.81 20.68
CA VAL C 176 8.25 20.48 21.03
C VAL C 176 9.26 20.10 19.97
N PRO C 177 10.50 19.87 20.38
CA PRO C 177 11.56 19.54 19.40
C PRO C 177 11.33 18.13 18.87
N VAL C 178 11.31 17.98 17.56
CA VAL C 178 11.04 16.68 16.95
C VAL C 178 12.13 15.69 17.27
N PHE C 179 13.37 16.07 17.00
CA PHE C 179 14.49 15.19 17.27
C PHE C 179 15.40 15.71 18.38
N THR C 180 15.79 14.83 19.29
CA THR C 180 16.76 15.15 20.32
C THR C 180 17.82 14.06 20.18
N ASP C 181 19.01 14.48 19.76
CA ASP C 181 20.09 13.54 19.46
C ASP C 181 20.78 13.02 20.72
N LEU C 182 20.56 11.73 20.97
CA LEU C 182 21.17 11.05 22.11
C LEU C 182 22.30 10.18 21.60
N GLY C 183 22.61 10.31 20.32
CA GLY C 183 23.68 9.52 19.76
C GLY C 183 23.25 8.19 19.21
N TRP C 184 22.82 7.32 20.13
CA TRP C 184 22.40 5.97 19.80
C TRP C 184 21.06 5.99 19.10
N VAL C 185 20.30 7.06 19.34
CA VAL C 185 19.05 7.31 18.65
C VAL C 185 18.77 8.84 18.64
N ARG C 186 17.98 9.28 17.67
CA ARG C 186 17.40 10.59 17.70
C ARG C 186 16.00 10.39 18.31
N LYS C 187 15.90 10.65 19.61
CA LYS C 187 14.67 10.56 20.41
C LYS C 187 13.61 11.46 19.79
N MET C 188 12.47 10.86 19.52
CA MET C 188 11.41 11.60 18.87
C MET C 188 10.33 12.08 19.83
N LEU C 189 9.96 13.34 19.72
CA LEU C 189 8.85 13.89 20.48
C LEU C 189 7.94 14.57 19.46
N ILE C 190 6.73 14.06 19.29
CA ILE C 190 5.78 14.57 18.29
C ILE C 190 4.39 14.27 18.79
N TYR C 191 3.41 15.06 18.41
CA TYR C 191 2.07 14.88 18.92
C TYR C 191 1.14 15.00 17.74
N PHE C 192 0.66 13.86 17.26
CA PHE C 192 -0.22 13.84 16.10
C PHE C 192 -1.62 14.49 16.36
N PRO C 193 -2.32 14.95 15.32
CA PRO C 193 -3.69 15.41 15.51
C PRO C 193 -4.58 14.24 15.74
N PHE C 194 -5.58 14.46 16.56
CA PHE C 194 -6.57 13.45 16.86
C PHE C 194 -7.46 13.33 15.63
N ASP C 195 -7.87 12.12 15.29
CA ASP C 195 -8.82 11.88 14.21
C ASP C 195 -10.15 12.59 14.50
N GLU C 196 -10.87 12.93 13.42
CA GLU C 196 -12.19 13.57 13.52
C GLU C 196 -13.15 12.70 14.30
N GLY C 197 -13.83 13.29 15.27
CA GLY C 197 -14.77 12.57 16.12
C GLY C 197 -14.16 12.02 17.42
N GLN C 198 -12.85 12.12 17.56
CA GLN C 198 -12.21 11.67 18.79
C GLN C 198 -11.89 12.88 19.67
N PRO C 199 -12.25 12.82 20.97
CA PRO C 199 -11.99 13.93 21.92
C PRO C 199 -10.49 14.20 22.09
N ALA C 200 -10.13 15.44 21.78
CA ALA C 200 -8.74 15.84 21.69
C ALA C 200 -8.18 16.39 22.98
N SER C 201 -7.04 15.83 23.36
CA SER C 201 -6.31 16.23 24.55
C SER C 201 -5.22 17.22 24.18
N TRP C 202 -4.77 17.15 22.93
CA TRP C 202 -3.84 18.14 22.41
C TRP C 202 -4.12 18.50 20.96
N GLU C 203 -3.45 19.53 20.47
CA GLU C 203 -3.61 19.94 19.10
C GLU C 203 -2.26 20.43 18.61
N PRO C 204 -1.78 19.89 17.48
CA PRO C 204 -0.51 20.34 16.89
C PRO C 204 -0.65 21.42 15.86
N ARG C 205 0.47 22.08 15.58
CA ARG C 205 0.58 23.05 14.51
C ARG C 205 2.02 23.00 14.01
N ILE C 206 2.21 23.39 12.76
CA ILE C 206 3.56 23.55 12.20
C ILE C 206 3.67 25.00 11.75
N VAL C 207 4.71 25.68 12.22
CA VAL C 207 4.93 27.10 11.93
C VAL C 207 5.27 27.34 10.47
N GLY C 208 4.51 28.23 9.83
CA GLY C 208 4.72 28.57 8.43
C GLY C 208 3.94 27.68 7.49
N PHE C 209 3.22 26.73 8.07
CA PHE C 209 2.40 25.81 7.34
C PHE C 209 0.96 26.26 7.58
N THR C 210 0.12 26.21 6.55
CA THR C 210 -1.31 26.46 6.75
C THR C 210 -2.00 25.22 7.35
N ASP C 211 -3.29 25.35 7.62
CA ASP C 211 -4.10 24.28 8.18
C ASP C 211 -4.22 23.10 7.22
N HIS C 212 -4.42 23.41 5.92
CA HIS C 212 -4.52 22.41 4.86
C HIS C 212 -3.21 21.60 4.75
N GLU C 213 -2.08 22.31 4.76
CA GLU C 213 -0.77 21.70 4.68
C GLU C 213 -0.40 20.76 5.85
N THR C 214 -0.65 21.21 7.08
CA THR C 214 -0.36 20.46 8.30
C THR C 214 -1.21 19.19 8.41
N GLN C 215 -2.50 19.30 8.04
CA GLN C 215 -3.42 18.17 7.98
C GLN C 215 -2.96 17.15 6.92
N ALA C 216 -2.49 17.64 5.77
CA ALA C 216 -2.00 16.78 4.71
C ALA C 216 -0.72 16.05 5.10
N PHE C 217 0.18 16.78 5.75
CA PHE C 217 1.47 16.28 6.21
C PHE C 217 1.30 15.14 7.19
N PHE C 218 0.47 15.37 8.19
CA PHE C 218 0.22 14.35 9.21
C PHE C 218 -0.49 13.11 8.69
N GLN C 219 -1.41 13.27 7.73
CA GLN C 219 -2.12 12.15 7.12
C GLN C 219 -1.16 11.29 6.34
N GLU C 220 -0.27 11.96 5.60
CA GLU C 220 0.73 11.25 4.82
C GLU C 220 1.86 10.62 5.67
N LEU C 221 2.41 11.35 6.64
CA LEU C 221 3.42 10.78 7.55
C LEU C 221 2.84 9.62 8.37
N GLY C 222 1.62 9.83 8.90
CA GLY C 222 0.88 8.80 9.62
C GLY C 222 0.71 7.52 8.82
N ALA C 223 0.35 7.62 7.54
CA ALA C 223 0.22 6.41 6.72
C ALA C 223 1.58 5.69 6.51
N PHE C 224 2.65 6.47 6.37
CA PHE C 224 4.01 5.92 6.25
C PHE C 224 4.42 5.15 7.49
N LEU C 225 4.21 5.78 8.64
CA LEU C 225 4.58 5.19 9.92
C LEU C 225 3.75 3.96 10.28
N LYS C 226 2.53 3.86 9.76
CA LYS C 226 1.66 2.73 10.04
C LYS C 226 1.81 1.52 9.13
N GLN C 227 2.78 1.56 8.24
CA GLN C 227 3.07 0.43 7.37
C GLN C 227 3.67 -0.68 8.24
N PRO C 228 3.31 -1.94 7.97
CA PRO C 228 3.72 -3.07 8.83
C PRO C 228 5.21 -3.29 9.06
N ARG C 229 6.11 -2.76 8.22
CA ARG C 229 7.54 -2.86 8.47
C ARG C 229 7.92 -2.12 9.77
N TYR C 230 7.26 -1.00 10.04
CA TYR C 230 7.58 -0.22 11.24
C TYR C 230 6.53 -0.32 12.33
N TYR C 231 5.38 -0.90 12.03
CA TYR C 231 4.25 -0.77 12.93
C TYR C 231 3.71 -2.07 13.55
N TYR C 232 3.62 -2.07 14.87
CA TYR C 232 3.13 -3.20 15.64
C TYR C 232 1.86 -2.82 16.35
N LYS C 233 0.82 -3.62 16.19
CA LYS C 233 -0.42 -3.39 16.94
C LYS C 233 -0.59 -4.47 17.97
N HIS C 234 -0.76 -4.08 19.23
CA HIS C 234 -0.95 -5.01 20.32
C HIS C 234 -2.40 -5.09 20.78
N PHE C 235 -3.04 -6.23 20.60
CA PHE C 235 -4.40 -6.37 21.08
C PHE C 235 -4.33 -7.01 22.45
N TRP C 236 -4.87 -6.30 23.43
CA TRP C 236 -4.70 -6.68 24.82
C TRP C 236 -5.42 -7.91 25.31
N GLU C 237 -4.76 -8.63 26.22
CA GLU C 237 -5.32 -9.78 26.93
C GLU C 237 -4.85 -9.74 28.39
N ASP C 238 -5.63 -10.31 29.30
CA ASP C 238 -5.30 -10.40 30.74
C ASP C 238 -3.88 -10.90 30.97
N GLY C 239 -3.10 -10.13 31.72
CA GLY C 239 -1.74 -10.54 31.95
C GLY C 239 -0.66 -10.11 30.95
N ASP C 240 -1.03 -9.36 29.91
CA ASP C 240 -0.01 -8.83 28.97
C ASP C 240 0.80 -7.71 29.60
N LEU C 241 2.10 -7.68 29.32
CA LEU C 241 2.93 -6.55 29.74
C LEU C 241 3.64 -5.99 28.53
N LEU C 242 3.43 -4.70 28.28
CA LEU C 242 4.08 -4.00 27.18
C LEU C 242 5.04 -2.99 27.74
N ILE C 243 6.30 -3.16 27.42
CA ILE C 243 7.32 -2.22 27.84
C ILE C 243 7.85 -1.50 26.61
N MET C 244 7.95 -0.17 26.69
CA MET C 244 8.46 0.63 25.58
C MET C 244 9.58 1.53 25.96
N ASP C 245 10.64 1.53 25.16
CA ASP C 245 11.66 2.53 25.33
C ASP C 245 11.11 3.78 24.62
N ASN C 246 10.81 4.79 25.41
CA ASN C 246 10.19 6.05 25.00
C ASN C 246 11.08 6.95 24.10
N ARG C 247 12.37 6.61 24.00
CA ARG C 247 13.28 7.33 23.15
C ARG C 247 13.39 6.66 21.79
N ARG C 248 13.01 5.38 21.71
CA ARG C 248 13.27 4.55 20.52
C ARG C 248 12.00 4.33 19.72
N VAL C 249 10.86 4.48 20.40
CA VAL C 249 9.61 4.34 19.71
C VAL C 249 8.66 5.44 20.11
N ILE C 250 7.65 5.61 19.27
CA ILE C 250 6.48 6.43 19.58
C ILE C 250 5.28 5.49 19.58
N HIS C 251 4.23 5.87 20.26
CA HIS C 251 3.10 4.98 20.33
C HIS C 251 1.75 5.63 20.24
N GLU C 252 0.73 4.79 20.14
CA GLU C 252 -0.65 5.25 19.99
C GLU C 252 -1.64 4.28 20.65
N ARG C 253 -2.77 4.78 21.13
CA ARG C 253 -3.90 3.94 21.51
C ARG C 253 -5.04 4.06 20.44
N GLU C 254 -5.58 2.94 19.97
CA GLU C 254 -6.70 3.00 19.05
C GLU C 254 -7.99 3.05 19.85
N GLU C 255 -9.03 3.66 19.28
CA GLU C 255 -10.29 3.87 19.95
C GLU C 255 -10.95 2.56 20.44
N PHE C 256 -11.73 2.67 21.52
CA PHE C 256 -12.48 1.52 22.04
C PHE C 256 -13.83 2.01 22.55
N ASN C 257 -14.49 2.87 21.77
CA ASN C 257 -15.77 3.46 22.16
C ASN C 257 -17.04 2.60 22.01
N ASP C 258 -17.03 1.48 22.73
CA ASP C 258 -18.14 0.56 22.86
C ASP C 258 -18.20 0.32 24.37
N ASP C 259 -19.34 0.68 24.97
CA ASP C 259 -19.58 0.59 26.44
C ASP C 259 -19.48 -0.81 27.07
N ASP C 260 -19.58 -1.85 26.24
CA ASP C 260 -19.42 -3.23 26.65
C ASP C 260 -17.97 -3.61 26.96
N ILE C 261 -17.01 -2.87 26.40
CA ILE C 261 -15.58 -3.13 26.58
C ILE C 261 -15.04 -2.79 27.97
N VAL C 262 -14.37 -3.75 28.57
CA VAL C 262 -13.66 -3.47 29.80
C VAL C 262 -12.20 -3.49 29.41
N ARG C 263 -11.50 -2.40 29.68
CA ARG C 263 -10.11 -2.32 29.30
C ARG C 263 -9.40 -1.54 30.35
N ARG C 264 -8.79 -2.27 31.27
CA ARG C 264 -8.14 -1.65 32.40
C ARG C 264 -6.68 -1.96 32.31
N LEU C 265 -5.91 -0.89 32.11
CA LEU C 265 -4.48 -0.99 32.05
C LEU C 265 -3.83 -0.25 33.19
N TYR C 266 -2.64 -0.70 33.58
CA TYR C 266 -1.88 0.04 34.58
C TYR C 266 -0.64 0.59 33.87
N ARG C 267 -0.32 1.84 34.16
CA ARG C 267 0.82 2.46 33.52
C ARG C 267 1.88 2.94 34.49
N GLY C 268 3.13 2.58 34.22
CA GLY C 268 4.24 3.09 34.99
C GLY C 268 5.24 3.77 34.07
N GLN C 269 5.98 4.74 34.62
CA GLN C 269 6.95 5.51 33.84
C GLN C 269 8.25 5.78 34.54
N THR C 270 9.37 5.40 33.95
CA THR C 270 10.66 5.66 34.56
C THR C 270 11.62 6.47 33.73
N ALA C 271 12.60 7.03 34.43
CA ALA C 271 13.66 7.84 33.81
C ALA C 271 14.91 7.84 34.65
N ASP C 272 16.03 8.12 33.99
CA ASP C 272 17.32 8.19 34.65
C ASP C 272 17.91 9.59 34.55
FE FE D . 4.85 19.13 -18.27
C1 AKG E . 4.20 22.18 -17.68
O1 AKG E . 4.07 23.39 -17.56
O2 AKG E . 4.19 21.63 -18.91
C2 AKG E . 4.40 21.21 -16.47
O5 AKG E . 4.52 20.06 -16.80
C3 AKG E . 4.45 21.46 -15.00
C4 AKG E . 5.44 22.49 -14.55
C5 AKG E . 4.95 22.83 -13.17
O3 AKG E . 4.24 23.93 -13.01
O4 AKG E . 5.18 22.12 -12.21
FE FE F . -15.35 -20.13 -6.44
C1 AKG G . -17.54 -20.01 -8.39
O1 AKG G . -18.56 -20.39 -8.93
O2 AKG G . -17.03 -20.60 -7.33
C2 AKG G . -16.65 -18.83 -8.87
O5 AKG G . -15.66 -18.63 -8.19
C3 AKG G . -16.99 -17.99 -10.07
C4 AKG G . -15.71 -17.57 -10.77
C5 AKG G . -16.09 -16.50 -11.76
O3 AKG G . -15.27 -15.68 -12.10
O4 AKG G . -17.32 -16.47 -12.29
OXT N7P H . -19.56 -23.05 -1.42
C N7P H . -19.75 -22.12 -2.23
O N7P H . -20.79 -21.44 -2.26
CA N7P H . -18.65 -21.82 -3.23
N N7P H . -18.83 -22.56 -4.45
C1 N7P H . -18.37 -23.80 -4.61
O1 N7P H . -18.10 -24.48 -3.62
C2 N7P H . -18.23 -24.32 -5.92
CD N7P H . -19.61 -21.82 -5.43
CG N7P H . -19.30 -20.41 -5.13
CB N7P H . -18.76 -20.37 -3.70
FE FE I . 1.60 7.35 25.91
C1 AKG J . -0.48 6.80 27.95
O1 AKG J . 0.65 7.49 27.76
O2 AKG J . -1.09 6.87 28.99
C2 AKG J . -0.94 5.87 26.78
O5 AKG J . -0.29 5.83 25.76
C3 AKG J . -2.20 5.05 26.92
C4 AKG J . -2.03 3.80 26.07
C5 AKG J . -3.23 2.90 26.24
O3 AKG J . -3.30 1.87 25.43
O4 AKG J . -4.12 3.07 27.06
OXT N7P K . 0.41 14.18 27.53
C N7P K . 1.54 13.62 27.46
O N7P K . 2.61 14.21 27.78
CA N7P K . 1.60 12.15 27.05
N N7P K . 1.50 11.30 28.20
C1 N7P K . 2.53 11.07 29.01
O1 N7P K . 3.60 11.62 28.80
C2 N7P K . 2.33 10.29 30.17
CD N7P K . 0.13 10.79 28.40
CG N7P K . -0.36 10.67 27.02
CB N7P K . 0.35 11.78 26.23
#